data_9FEB
#
_entry.id   9FEB
#
_cell.length_a   56.621
_cell.length_b   121.862
_cell.length_c   162.91
_cell.angle_alpha   90
_cell.angle_beta   90
_cell.angle_gamma   90
#
_symmetry.space_group_name_H-M   'P 21 21 21'
#
loop_
_entity.id
_entity.type
_entity.pdbx_description
1 polymer 'SDR family oxidoreductase'
2 non-polymer 'NADP NICOTINAMIDE-ADENINE-DINUCLEOTIDE PHOSPHATE'
3 non-polymer 'MAGNESIUM ION'
4 water water
#
_entity_poly.entity_id   1
_entity_poly.type   'polypeptide(L)'
_entity_poly.pdbx_seq_one_letter_code
;MGSSHHHHHHGSGLVPRGSAGMDPKSLVGKHALVTGASRGIGAAIAEALAQAGARLTLVARKLQDLEERVERLRAWTEVQ
GEVGDVADPQAMESLVHRAQERFGPVAILVNNAGFVLTAPFLEINEELWQRHIEVNLGAAYRLIRLLLPGMLEMGWGRII
NISSTAGLTGYPYAVPYCAAKHGLIGLTRALALELAQRGITVNAICPGFTDTDLLQASVLRVAQRTARAPEAVLELFARR
NPQGRLVRPEEVAWAVVWLCSEKAAAINGQAIAVAGGEVMVG
;
_entity_poly.pdbx_strand_id   A,B,C,D,E
#
loop_
_chem_comp.id
_chem_comp.type
_chem_comp.name
_chem_comp.formula
MG non-polymer 'MAGNESIUM ION' 'Mg 2'
NAP non-polymer 'NADP NICOTINAMIDE-ADENINE-DINUCLEOTIDE PHOSPHATE' 'C21 H28 N7 O17 P3'
#
# COMPACT_ATOMS: atom_id res chain seq x y z
N MET A 22 -16.87 -1.73 -24.32
CA MET A 22 -15.90 -1.22 -25.28
C MET A 22 -16.44 -1.32 -26.71
N ASP A 23 -16.20 -0.27 -27.53
CA ASP A 23 -16.66 -0.23 -28.92
C ASP A 23 -15.62 -0.87 -29.85
N PRO A 24 -16.01 -1.58 -30.94
CA PRO A 24 -14.98 -2.16 -31.83
C PRO A 24 -14.25 -1.14 -32.74
N LYS A 25 -14.47 0.18 -32.54
CA LYS A 25 -13.81 1.25 -33.31
C LYS A 25 -13.00 2.23 -32.39
N SER A 26 -12.96 1.98 -31.06
CA SER A 26 -12.29 2.84 -30.06
C SER A 26 -10.81 3.17 -30.38
N LEU A 27 -9.99 2.14 -30.61
CA LEU A 27 -8.56 2.32 -30.85
C LEU A 27 -8.18 2.27 -32.32
N VAL A 28 -9.14 2.50 -33.24
CA VAL A 28 -8.83 2.48 -34.68
C VAL A 28 -7.80 3.57 -35.01
N GLY A 29 -6.78 3.21 -35.77
CA GLY A 29 -5.73 4.15 -36.12
C GLY A 29 -4.64 4.26 -35.07
N LYS A 30 -4.60 3.35 -34.07
CA LYS A 30 -3.56 3.36 -33.06
C LYS A 30 -2.70 2.14 -33.27
N HIS A 31 -1.39 2.33 -33.40
CA HIS A 31 -0.43 1.25 -33.52
C HIS A 31 -0.04 0.80 -32.09
N ALA A 32 -0.34 -0.47 -31.77
CA ALA A 32 -0.01 -1.09 -30.50
C ALA A 32 1.02 -2.17 -30.73
N LEU A 33 2.02 -2.22 -29.86
CA LEU A 33 3.05 -3.24 -29.88
C LEU A 33 2.96 -4.01 -28.57
N VAL A 34 2.81 -5.34 -28.67
CA VAL A 34 2.69 -6.22 -27.52
C VAL A 34 3.85 -7.21 -27.54
N THR A 35 4.65 -7.25 -26.47
CA THR A 35 5.73 -8.22 -26.38
C THR A 35 5.22 -9.50 -25.74
N GLY A 36 5.81 -10.61 -26.15
CA GLY A 36 5.39 -11.92 -25.70
C GLY A 36 3.94 -12.23 -25.99
N ALA A 37 3.58 -12.01 -27.27
CA ALA A 37 2.20 -12.00 -27.71
C ALA A 37 1.69 -13.22 -28.47
N SER A 38 2.48 -14.28 -28.60
CA SER A 38 2.05 -15.46 -29.35
C SER A 38 1.21 -16.43 -28.52
N ARG A 39 1.40 -16.46 -27.18
CA ARG A 39 0.65 -17.36 -26.30
C ARG A 39 0.35 -16.65 -24.97
N GLY A 40 -0.59 -17.24 -24.22
CA GLY A 40 -0.96 -16.83 -22.86
C GLY A 40 -1.61 -15.47 -22.77
N ILE A 41 -1.26 -14.73 -21.70
CA ILE A 41 -1.78 -13.40 -21.43
C ILE A 41 -1.50 -12.45 -22.60
N GLY A 42 -0.29 -12.47 -23.15
CA GLY A 42 0.06 -11.61 -24.29
C GLY A 42 -0.84 -11.80 -25.48
N ALA A 43 -1.19 -13.07 -25.78
CA ALA A 43 -2.10 -13.40 -26.89
C ALA A 43 -3.50 -12.86 -26.62
N ALA A 44 -3.97 -12.96 -25.37
CA ALA A 44 -5.28 -12.43 -24.98
C ALA A 44 -5.30 -10.89 -25.07
N ILE A 45 -4.20 -10.23 -24.67
CA ILE A 45 -4.07 -8.77 -24.75
C ILE A 45 -4.13 -8.36 -26.22
N ALA A 46 -3.36 -9.06 -27.06
CA ALA A 46 -3.37 -8.79 -28.50
C ALA A 46 -4.77 -8.96 -29.10
N GLU A 47 -5.49 -10.02 -28.71
CA GLU A 47 -6.83 -10.25 -29.21
C GLU A 47 -7.81 -9.13 -28.83
N ALA A 48 -7.74 -8.65 -27.58
CA ALA A 48 -8.61 -7.59 -27.13
C ALA A 48 -8.30 -6.28 -27.83
N LEU A 49 -7.01 -5.99 -28.05
CA LEU A 49 -6.62 -4.79 -28.77
C LEU A 49 -7.05 -4.88 -30.25
N ALA A 50 -6.97 -6.07 -30.86
CA ALA A 50 -7.42 -6.29 -32.24
C ALA A 50 -8.93 -6.05 -32.36
N GLN A 51 -9.72 -6.54 -31.40
CA GLN A 51 -11.16 -6.34 -31.38
C GLN A 51 -11.55 -4.87 -31.16
N ALA A 52 -10.69 -4.08 -30.49
CA ALA A 52 -10.86 -2.64 -30.31
C ALA A 52 -10.41 -1.80 -31.54
N GLY A 53 -9.84 -2.43 -32.56
CA GLY A 53 -9.44 -1.76 -33.79
C GLY A 53 -8.00 -1.28 -33.90
N ALA A 54 -7.13 -1.64 -32.93
CA ALA A 54 -5.73 -1.22 -33.00
C ALA A 54 -5.00 -2.00 -34.08
N ARG A 55 -3.98 -1.39 -34.70
CA ARG A 55 -3.09 -2.07 -35.64
C ARG A 55 -2.01 -2.67 -34.74
N LEU A 56 -1.71 -3.96 -34.89
CA LEU A 56 -0.80 -4.65 -33.98
C LEU A 56 0.53 -5.12 -34.50
N THR A 57 1.59 -4.96 -33.69
CA THR A 57 2.89 -5.56 -33.90
C THR A 57 3.03 -6.55 -32.74
N LEU A 58 3.15 -7.83 -33.05
CA LEU A 58 3.27 -8.88 -32.04
C LEU A 58 4.69 -9.39 -32.04
N VAL A 59 5.30 -9.51 -30.85
CA VAL A 59 6.68 -9.96 -30.71
C VAL A 59 6.76 -11.23 -29.88
N ALA A 60 7.50 -12.23 -30.36
CA ALA A 60 7.78 -13.49 -29.65
C ALA A 60 9.01 -14.17 -30.31
N ARG A 61 9.65 -15.13 -29.64
CA ARG A 61 10.87 -15.75 -30.17
C ARG A 61 10.59 -16.83 -31.20
N LYS A 62 9.56 -17.66 -31.02
CA LYS A 62 9.30 -18.80 -31.92
C LYS A 62 8.37 -18.41 -33.06
N LEU A 63 8.82 -18.64 -34.29
CA LEU A 63 8.06 -18.25 -35.48
C LEU A 63 6.70 -18.92 -35.62
N GLN A 64 6.62 -20.25 -35.47
CA GLN A 64 5.37 -20.97 -35.71
C GLN A 64 4.18 -20.46 -34.89
N ASP A 65 4.32 -20.37 -33.56
CA ASP A 65 3.23 -19.89 -32.71
C ASP A 65 2.91 -18.43 -33.03
N LEU A 66 3.93 -17.61 -33.32
CA LEU A 66 3.71 -16.21 -33.66
C LEU A 66 2.91 -16.06 -34.97
N GLU A 67 3.30 -16.76 -36.04
CA GLU A 67 2.60 -16.71 -37.34
C GLU A 67 1.14 -17.12 -37.18
N GLU A 68 0.85 -18.20 -36.43
CA GLU A 68 -0.52 -18.64 -36.16
C GLU A 68 -1.33 -17.55 -35.46
N ARG A 69 -0.74 -16.88 -34.47
CA ARG A 69 -1.43 -15.82 -33.74
C ARG A 69 -1.71 -14.63 -34.65
N VAL A 70 -0.74 -14.22 -35.47
CA VAL A 70 -0.90 -13.10 -36.42
C VAL A 70 -2.05 -13.42 -37.39
N GLU A 71 -2.05 -14.63 -37.97
CA GLU A 71 -3.09 -15.04 -38.92
C GLU A 71 -4.48 -15.04 -38.25
N ARG A 72 -4.58 -15.53 -37.01
CA ARG A 72 -5.85 -15.53 -36.28
C ARG A 72 -6.37 -14.09 -36.09
N LEU A 73 -5.51 -13.17 -35.66
CA LEU A 73 -5.94 -11.81 -35.37
C LEU A 73 -6.20 -10.94 -36.61
N ARG A 74 -5.74 -11.36 -37.79
CA ARG A 74 -6.06 -10.64 -39.03
C ARG A 74 -7.57 -10.69 -39.36
N ALA A 75 -8.37 -11.53 -38.66
CA ALA A 75 -9.82 -11.55 -38.81
C ALA A 75 -10.44 -10.24 -38.32
N TRP A 76 -9.78 -9.52 -37.37
CA TRP A 76 -10.29 -8.28 -36.79
C TRP A 76 -9.56 -7.02 -37.21
N THR A 77 -8.24 -7.06 -37.53
CA THR A 77 -7.48 -5.83 -37.80
C THR A 77 -6.17 -6.12 -38.61
N GLU A 78 -5.35 -5.08 -38.89
CA GLU A 78 -4.06 -5.25 -39.54
C GLU A 78 -3.09 -5.68 -38.45
N VAL A 79 -2.36 -6.78 -38.71
CA VAL A 79 -1.44 -7.36 -37.73
C VAL A 79 -0.16 -7.75 -38.43
N GLN A 80 0.95 -7.58 -37.73
CA GLN A 80 2.25 -8.02 -38.21
C GLN A 80 3.00 -8.64 -37.04
N GLY A 81 3.81 -9.63 -37.35
CA GLY A 81 4.61 -10.33 -36.36
C GLY A 81 6.07 -10.08 -36.58
N GLU A 82 6.82 -10.01 -35.49
CA GLU A 82 8.25 -9.81 -35.55
C GLU A 82 8.89 -10.76 -34.57
N VAL A 83 9.74 -11.65 -35.09
CA VAL A 83 10.45 -12.64 -34.28
C VAL A 83 11.55 -11.88 -33.53
N GLY A 84 11.60 -12.05 -32.21
CA GLY A 84 12.64 -11.40 -31.42
C GLY A 84 12.60 -11.74 -29.94
N ASP A 85 13.74 -11.64 -29.29
CA ASP A 85 13.92 -11.85 -27.86
C ASP A 85 14.02 -10.46 -27.26
N VAL A 86 13.13 -10.11 -26.31
CA VAL A 86 13.15 -8.76 -25.70
C VAL A 86 14.46 -8.44 -24.99
N ALA A 87 15.22 -9.47 -24.55
CA ALA A 87 16.51 -9.28 -23.88
C ALA A 87 17.67 -9.08 -24.87
N ASP A 88 17.41 -9.02 -26.21
CA ASP A 88 18.44 -8.83 -27.22
C ASP A 88 18.31 -7.38 -27.73
N PRO A 89 19.11 -6.42 -27.24
CA PRO A 89 18.95 -5.02 -27.70
C PRO A 89 19.06 -4.78 -29.20
N GLN A 90 20.02 -5.44 -29.87
CA GLN A 90 20.22 -5.23 -31.31
C GLN A 90 19.01 -5.76 -32.09
N ALA A 91 18.52 -6.96 -31.76
CA ALA A 91 17.36 -7.51 -32.44
C ALA A 91 16.13 -6.64 -32.22
N MET A 92 15.94 -6.13 -31.00
CA MET A 92 14.79 -5.27 -30.69
C MET A 92 14.84 -3.93 -31.45
N GLU A 93 16.02 -3.30 -31.55
CA GLU A 93 16.14 -2.03 -32.31
C GLU A 93 15.74 -2.24 -33.78
N SER A 94 16.25 -3.30 -34.42
CA SER A 94 15.95 -3.61 -35.81
C SER A 94 14.47 -3.92 -35.98
N LEU A 95 13.92 -4.72 -35.06
CA LEU A 95 12.50 -5.11 -35.02
C LEU A 95 11.61 -3.86 -34.98
N VAL A 96 11.92 -2.91 -34.09
CA VAL A 96 11.14 -1.70 -33.88
C VAL A 96 11.21 -0.83 -35.15
N HIS A 97 12.38 -0.74 -35.80
CA HIS A 97 12.50 0.02 -37.04
C HIS A 97 11.60 -0.57 -38.13
N ARG A 98 11.65 -1.90 -38.30
CA ARG A 98 10.84 -2.60 -39.31
C ARG A 98 9.33 -2.41 -39.05
N ALA A 99 8.93 -2.58 -37.77
CA ALA A 99 7.54 -2.45 -37.37
C ALA A 99 6.96 -1.06 -37.65
N GLN A 100 7.74 -0.01 -37.40
CA GLN A 100 7.28 1.35 -37.61
C GLN A 100 7.25 1.75 -39.10
N GLU A 101 7.96 1.01 -39.98
CA GLU A 101 7.91 1.28 -41.41
C GLU A 101 6.50 0.96 -41.94
N ARG A 102 5.84 -0.12 -41.45
CA ARG A 102 4.49 -0.46 -41.91
C ARG A 102 3.39 0.33 -41.18
N PHE A 103 3.41 0.35 -39.83
CA PHE A 103 2.32 0.96 -39.07
C PHE A 103 2.62 2.31 -38.41
N GLY A 104 3.78 2.89 -38.65
CA GLY A 104 4.12 4.18 -38.08
C GLY A 104 4.53 4.10 -36.62
N PRO A 105 4.69 5.27 -35.95
CA PRO A 105 5.10 5.25 -34.55
C PRO A 105 4.16 4.48 -33.64
N VAL A 106 4.74 3.79 -32.65
CA VAL A 106 3.95 3.03 -31.69
C VAL A 106 3.29 4.01 -30.72
N ALA A 107 1.96 3.95 -30.60
CA ALA A 107 1.17 4.77 -29.68
C ALA A 107 0.93 4.03 -28.36
N ILE A 108 0.76 2.69 -28.42
CA ILE A 108 0.49 1.88 -27.22
C ILE A 108 1.56 0.81 -27.10
N LEU A 109 2.29 0.77 -25.98
CA LEU A 109 3.27 -0.28 -25.74
C LEU A 109 2.81 -1.13 -24.57
N VAL A 110 2.78 -2.46 -24.77
CA VAL A 110 2.48 -3.38 -23.70
C VAL A 110 3.68 -4.27 -23.47
N ASN A 111 4.38 -4.06 -22.35
CA ASN A 111 5.53 -4.90 -21.99
C ASN A 111 5.02 -6.11 -21.27
N ASN A 112 4.88 -7.22 -21.97
CA ASN A 112 4.32 -8.45 -21.39
C ASN A 112 5.32 -9.60 -21.26
N ALA A 113 6.34 -9.68 -22.11
CA ALA A 113 7.31 -10.79 -22.02
C ALA A 113 8.01 -10.75 -20.65
N GLY A 114 8.08 -11.92 -20.04
CA GLY A 114 8.66 -12.08 -18.72
C GLY A 114 9.45 -13.37 -18.61
N PHE A 115 9.96 -13.63 -17.40
CA PHE A 115 10.76 -14.82 -17.12
C PHE A 115 10.64 -15.13 -15.64
N VAL A 116 10.42 -16.41 -15.32
CA VAL A 116 10.41 -16.85 -13.93
C VAL A 116 11.00 -18.25 -13.85
N LEU A 117 11.83 -18.50 -12.85
CA LEU A 117 12.34 -19.82 -12.52
C LEU A 117 12.51 -19.80 -11.00
N THR A 118 11.56 -20.37 -10.30
CA THR A 118 11.57 -20.36 -8.84
C THR A 118 12.66 -21.33 -8.33
N ALA A 119 13.27 -21.00 -7.20
CA ALA A 119 14.36 -21.75 -6.61
C ALA A 119 14.66 -21.27 -5.20
N PRO A 120 15.28 -22.08 -4.32
CA PRO A 120 15.74 -21.53 -3.03
C PRO A 120 16.81 -20.48 -3.27
N PHE A 121 16.73 -19.37 -2.54
CA PHE A 121 17.65 -18.24 -2.69
C PHE A 121 19.14 -18.63 -2.84
N LEU A 122 19.63 -19.55 -2.01
CA LEU A 122 21.06 -19.92 -2.07
C LEU A 122 21.46 -20.63 -3.38
N GLU A 123 20.49 -21.14 -4.13
CA GLU A 123 20.74 -21.81 -5.41
C GLU A 123 20.67 -20.84 -6.61
N ILE A 124 20.44 -19.54 -6.39
CA ILE A 124 20.33 -18.54 -7.46
C ILE A 124 21.71 -17.99 -7.77
N ASN A 125 22.29 -18.44 -8.87
CA ASN A 125 23.59 -17.96 -9.29
C ASN A 125 23.43 -16.64 -10.06
N GLU A 126 24.56 -16.00 -10.39
CA GLU A 126 24.58 -14.72 -11.10
C GLU A 126 23.73 -14.73 -12.38
N GLU A 127 23.91 -15.75 -13.23
CA GLU A 127 23.19 -15.87 -14.50
C GLU A 127 21.68 -15.90 -14.29
N LEU A 128 21.20 -16.68 -13.32
CA LEU A 128 19.78 -16.80 -13.08
C LEU A 128 19.18 -15.49 -12.52
N TRP A 129 19.92 -14.85 -11.62
CA TRP A 129 19.53 -13.54 -11.09
C TRP A 129 19.41 -12.51 -12.26
N GLN A 130 20.43 -12.46 -13.12
CA GLN A 130 20.46 -11.50 -14.23
C GLN A 130 19.35 -11.78 -15.24
N ARG A 131 19.01 -13.05 -15.51
CA ARG A 131 17.95 -13.35 -16.47
C ARG A 131 16.60 -12.80 -15.96
N HIS A 132 16.33 -12.94 -14.66
CA HIS A 132 15.10 -12.37 -14.09
C HIS A 132 15.08 -10.84 -14.23
N ILE A 133 16.20 -10.18 -13.92
CA ILE A 133 16.25 -8.73 -13.96
C ILE A 133 16.17 -8.22 -15.41
N GLU A 134 16.93 -8.83 -16.31
CA GLU A 134 16.94 -8.39 -17.71
C GLU A 134 15.64 -8.61 -18.48
N VAL A 135 15.01 -9.77 -18.37
CA VAL A 135 13.80 -10.06 -19.14
C VAL A 135 12.59 -9.28 -18.58
N ASN A 136 12.42 -9.25 -17.27
CA ASN A 136 11.26 -8.58 -16.65
C ASN A 136 11.36 -7.09 -16.46
N LEU A 137 12.57 -6.56 -16.33
CA LEU A 137 12.75 -5.14 -16.04
C LEU A 137 13.62 -4.41 -17.06
N GLY A 138 14.85 -4.90 -17.29
CA GLY A 138 15.77 -4.27 -18.23
C GLY A 138 15.20 -4.12 -19.63
N ALA A 139 14.51 -5.17 -20.10
CA ALA A 139 13.91 -5.16 -21.43
C ALA A 139 12.79 -4.13 -21.56
N ALA A 140 11.99 -3.93 -20.49
CA ALA A 140 10.92 -2.94 -20.50
C ALA A 140 11.54 -1.54 -20.54
N TYR A 141 12.58 -1.27 -19.71
CA TYR A 141 13.34 0.00 -19.75
C TYR A 141 13.81 0.31 -21.20
N ARG A 142 14.43 -0.68 -21.86
CA ARG A 142 15.01 -0.44 -23.19
C ARG A 142 13.97 -0.17 -24.24
N LEU A 143 12.91 -0.97 -24.26
CA LEU A 143 11.85 -0.79 -25.23
C LEU A 143 11.08 0.52 -25.05
N ILE A 144 10.85 0.93 -23.79
CA ILE A 144 10.24 2.24 -23.51
C ILE A 144 11.19 3.35 -24.02
N ARG A 145 12.49 3.25 -23.74
CA ARG A 145 13.44 4.25 -24.22
C ARG A 145 13.42 4.36 -25.76
N LEU A 146 13.29 3.23 -26.47
CA LEU A 146 13.20 3.23 -27.93
C LEU A 146 11.92 3.88 -28.46
N LEU A 147 10.78 3.64 -27.81
CA LEU A 147 9.48 4.10 -28.30
C LEU A 147 8.94 5.38 -27.70
N LEU A 148 9.51 5.85 -26.59
CA LEU A 148 9.04 7.08 -25.95
C LEU A 148 9.18 8.33 -26.88
N PRO A 149 10.28 8.53 -27.65
CA PRO A 149 10.33 9.71 -28.54
C PRO A 149 9.11 9.84 -29.48
N GLY A 150 8.68 8.73 -30.07
CA GLY A 150 7.53 8.71 -30.96
C GLY A 150 6.23 9.11 -30.28
N MET A 151 6.05 8.67 -29.03
CA MET A 151 4.88 9.00 -28.23
C MET A 151 4.90 10.48 -27.85
N LEU A 152 6.07 11.00 -27.48
CA LEU A 152 6.21 12.41 -27.14
C LEU A 152 5.90 13.29 -28.36
N GLU A 153 6.36 12.88 -29.55
CA GLU A 153 6.10 13.62 -30.78
C GLU A 153 4.60 13.61 -31.12
N MET A 154 3.89 12.47 -30.95
CA MET A 154 2.45 12.42 -31.20
C MET A 154 1.62 13.17 -30.12
N GLY A 155 2.20 13.42 -28.95
CA GLY A 155 1.48 14.06 -27.85
C GLY A 155 0.50 13.13 -27.13
N TRP A 156 0.57 11.81 -27.38
CA TRP A 156 -0.32 10.83 -26.78
C TRP A 156 0.37 9.50 -26.74
N GLY A 157 0.16 8.76 -25.67
CA GLY A 157 0.71 7.43 -25.57
C GLY A 157 0.22 6.68 -24.37
N ARG A 158 0.41 5.37 -24.42
CA ARG A 158 0.07 4.48 -23.32
C ARG A 158 1.19 3.49 -23.16
N ILE A 159 1.77 3.42 -21.96
CA ILE A 159 2.77 2.44 -21.62
C ILE A 159 2.14 1.57 -20.53
N ILE A 160 2.00 0.29 -20.81
CA ILE A 160 1.37 -0.65 -19.90
C ILE A 160 2.35 -1.78 -19.64
N ASN A 161 2.75 -1.94 -18.38
CA ASN A 161 3.70 -2.95 -17.98
C ASN A 161 2.99 -4.09 -17.28
N ILE A 162 3.16 -5.31 -17.77
CA ILE A 162 2.53 -6.46 -17.12
C ILE A 162 3.52 -6.93 -16.07
N SER A 163 3.22 -6.60 -14.82
CA SER A 163 4.02 -7.01 -13.72
C SER A 163 3.43 -8.35 -13.18
N SER A 164 3.01 -8.42 -11.95
CA SER A 164 2.48 -9.61 -11.31
C SER A 164 2.06 -9.22 -9.91
N THR A 165 1.30 -10.05 -9.23
CA THR A 165 1.10 -9.89 -7.79
C THR A 165 2.48 -9.95 -7.07
N ALA A 166 3.50 -10.63 -7.69
CA ALA A 166 4.88 -10.68 -7.21
C ALA A 166 5.60 -9.31 -7.30
N GLY A 167 5.02 -8.34 -7.99
CA GLY A 167 5.46 -6.96 -8.00
C GLY A 167 4.91 -6.17 -6.83
N LEU A 168 3.90 -6.72 -6.09
CA LEU A 168 3.21 -6.06 -4.99
C LEU A 168 3.38 -6.74 -3.63
N THR A 169 3.77 -8.01 -3.63
CA THR A 169 3.99 -8.76 -2.40
C THR A 169 5.09 -9.81 -2.66
N GLY A 170 5.58 -10.41 -1.60
CA GLY A 170 6.61 -11.43 -1.70
C GLY A 170 6.01 -12.81 -1.89
N TYR A 171 6.82 -13.72 -2.42
CA TYR A 171 6.50 -15.14 -2.54
C TYR A 171 7.78 -15.89 -2.21
N PRO A 172 7.75 -16.92 -1.35
CA PRO A 172 8.99 -17.67 -1.09
C PRO A 172 9.48 -18.36 -2.37
N TYR A 173 10.80 -18.50 -2.52
CA TYR A 173 11.42 -19.15 -3.68
C TYR A 173 11.29 -18.35 -4.99
N ALA A 174 10.84 -17.10 -4.92
CA ALA A 174 10.72 -16.25 -6.10
C ALA A 174 11.38 -14.89 -5.81
N VAL A 175 12.52 -14.89 -5.13
CA VAL A 175 13.19 -13.64 -4.75
C VAL A 175 13.58 -12.80 -5.99
N PRO A 176 14.27 -13.35 -7.02
CA PRO A 176 14.60 -12.53 -8.19
C PRO A 176 13.36 -12.10 -8.98
N TYR A 177 12.34 -12.94 -9.07
CA TYR A 177 11.12 -12.58 -9.77
C TYR A 177 10.41 -11.42 -9.06
N CYS A 178 10.28 -11.51 -7.75
CA CYS A 178 9.69 -10.44 -6.94
C CYS A 178 10.52 -9.16 -7.05
N ALA A 179 11.85 -9.26 -6.99
CA ALA A 179 12.72 -8.09 -7.14
C ALA A 179 12.50 -7.41 -8.50
N ALA A 180 12.52 -8.16 -9.61
CA ALA A 180 12.32 -7.61 -10.92
C ALA A 180 10.92 -7.04 -11.15
N LYS A 181 9.88 -7.74 -10.70
CA LYS A 181 8.50 -7.30 -10.85
C LYS A 181 8.20 -6.09 -9.96
N HIS A 182 8.79 -6.02 -8.77
CA HIS A 182 8.66 -4.83 -7.92
C HIS A 182 9.40 -3.65 -8.63
N GLY A 183 10.56 -3.93 -9.22
CA GLY A 183 11.31 -2.92 -9.97
C GLY A 183 10.52 -2.34 -11.11
N LEU A 184 9.70 -3.18 -11.76
CA LEU A 184 8.84 -2.74 -12.84
C LEU A 184 7.74 -1.78 -12.34
N ILE A 185 7.26 -1.98 -11.10
CA ILE A 185 6.32 -1.04 -10.46
C ILE A 185 7.04 0.31 -10.19
N GLY A 186 8.27 0.27 -9.71
CA GLY A 186 9.05 1.48 -9.48
C GLY A 186 9.29 2.29 -10.74
N LEU A 187 9.64 1.60 -11.82
CA LEU A 187 9.81 2.21 -13.14
C LEU A 187 8.47 2.88 -13.57
N THR A 188 7.37 2.15 -13.38
CA THR A 188 6.03 2.62 -13.72
C THR A 188 5.70 3.91 -12.98
N ARG A 189 5.89 3.94 -11.66
CA ARG A 189 5.56 5.08 -10.85
C ARG A 189 6.37 6.33 -11.19
N ALA A 190 7.70 6.16 -11.29
CA ALA A 190 8.58 7.28 -11.58
C ALA A 190 8.31 7.84 -12.98
N LEU A 191 8.13 6.97 -13.98
CA LEU A 191 7.89 7.42 -15.33
C LEU A 191 6.50 8.06 -15.48
N ALA A 192 5.50 7.57 -14.73
CA ALA A 192 4.17 8.18 -14.74
C ALA A 192 4.24 9.66 -14.27
N LEU A 193 5.08 9.95 -13.28
CA LEU A 193 5.26 11.32 -12.81
C LEU A 193 6.06 12.15 -13.81
N GLU A 194 7.13 11.58 -14.36
CA GLU A 194 7.96 12.29 -15.32
C GLU A 194 7.18 12.66 -16.61
N LEU A 195 6.27 11.78 -17.08
CA LEU A 195 5.48 12.01 -18.29
C LEU A 195 4.05 12.52 -18.04
N ALA A 196 3.71 12.86 -16.79
CA ALA A 196 2.35 13.26 -16.43
C ALA A 196 1.74 14.35 -17.31
N GLN A 197 2.52 15.38 -17.65
CA GLN A 197 2.05 16.49 -18.46
C GLN A 197 2.45 16.39 -19.95
N ARG A 198 2.83 15.18 -20.40
CA ARG A 198 3.24 14.94 -21.79
C ARG A 198 2.23 14.11 -22.60
N GLY A 199 1.02 13.90 -22.09
CA GLY A 199 0.00 13.14 -22.79
C GLY A 199 0.13 11.63 -22.77
N ILE A 200 1.02 11.09 -21.93
CA ILE A 200 1.29 9.67 -21.85
C ILE A 200 0.99 9.19 -20.43
N THR A 201 0.29 8.07 -20.30
CA THR A 201 0.09 7.44 -19.00
C THR A 201 0.96 6.19 -18.96
N VAL A 202 1.41 5.83 -17.75
CA VAL A 202 2.25 4.67 -17.50
C VAL A 202 1.59 3.93 -16.35
N ASN A 203 1.16 2.69 -16.59
CA ASN A 203 0.49 1.86 -15.59
C ASN A 203 0.99 0.43 -15.63
N ALA A 204 0.71 -0.30 -14.56
CA ALA A 204 1.07 -1.69 -14.47
C ALA A 204 -0.16 -2.51 -14.16
N ILE A 205 -0.25 -3.67 -14.77
CA ILE A 205 -1.29 -4.67 -14.53
C ILE A 205 -0.58 -5.81 -13.85
N CYS A 206 -1.13 -6.25 -12.71
CA CYS A 206 -0.55 -7.26 -11.86
C CYS A 206 -1.42 -8.50 -11.73
N PRO A 207 -1.29 -9.45 -12.65
CA PRO A 207 -2.10 -10.67 -12.53
C PRO A 207 -1.60 -11.59 -11.43
N GLY A 208 -2.53 -12.30 -10.81
CA GLY A 208 -2.24 -13.45 -9.98
C GLY A 208 -2.11 -14.66 -10.90
N PHE A 209 -2.10 -15.89 -10.36
CA PHE A 209 -2.02 -17.08 -11.20
C PHE A 209 -3.18 -17.13 -12.22
N THR A 210 -2.80 -17.26 -13.50
CA THR A 210 -3.70 -17.20 -14.64
C THR A 210 -3.74 -18.53 -15.40
N ASP A 211 -4.93 -18.89 -15.86
CA ASP A 211 -5.20 -20.12 -16.57
C ASP A 211 -4.71 -20.03 -17.98
N THR A 212 -3.47 -20.45 -18.20
CA THR A 212 -2.86 -20.52 -19.53
C THR A 212 -2.58 -22.00 -19.85
N ASP A 213 -2.25 -22.32 -21.12
CA ASP A 213 -1.88 -23.70 -21.47
C ASP A 213 -0.63 -24.13 -20.68
N LEU A 214 0.30 -23.20 -20.42
CA LEU A 214 1.50 -23.54 -19.66
C LEU A 214 1.14 -23.97 -18.22
N LEU A 215 0.25 -23.22 -17.57
CA LEU A 215 -0.15 -23.55 -16.21
C LEU A 215 -0.92 -24.88 -16.20
N GLN A 216 -1.80 -25.11 -17.18
CA GLN A 216 -2.54 -26.38 -17.26
C GLN A 216 -1.57 -27.56 -17.42
N ALA A 217 -0.47 -27.38 -18.19
CA ALA A 217 0.53 -28.43 -18.33
C ALA A 217 1.22 -28.69 -16.98
N SER A 218 1.48 -27.64 -16.18
CA SER A 218 2.07 -27.80 -14.85
C SER A 218 1.11 -28.49 -13.86
N VAL A 219 -0.20 -28.17 -13.95
CA VAL A 219 -1.24 -28.79 -13.12
C VAL A 219 -1.27 -30.30 -13.43
N LEU A 220 -1.30 -30.66 -14.71
CA LEU A 220 -1.33 -32.05 -15.13
C LEU A 220 -0.07 -32.79 -14.72
N ARG A 221 1.11 -32.16 -14.83
CA ARG A 221 2.37 -32.79 -14.42
C ARG A 221 2.34 -33.11 -12.93
N VAL A 222 1.89 -32.18 -12.09
CA VAL A 222 1.83 -32.42 -10.63
C VAL A 222 0.75 -33.50 -10.30
N ALA A 223 -0.39 -33.48 -11.01
CA ALA A 223 -1.44 -34.47 -10.81
C ALA A 223 -0.93 -35.88 -11.15
N GLN A 224 -0.21 -36.01 -12.26
CA GLN A 224 0.36 -37.28 -12.70
C GLN A 224 1.44 -37.74 -11.74
N ARG A 225 2.26 -36.83 -11.21
CA ARG A 225 3.31 -37.19 -10.26
C ARG A 225 2.79 -37.49 -8.85
N THR A 226 1.59 -37.01 -8.48
CA THR A 226 1.01 -37.25 -7.15
C THR A 226 -0.25 -38.19 -7.17
N ALA A 227 -0.57 -38.82 -8.33
CA ALA A 227 -1.74 -39.70 -8.47
C ALA A 227 -3.05 -39.05 -8.01
N ARG A 228 -3.26 -37.82 -8.43
CA ARG A 228 -4.45 -37.04 -8.08
C ARG A 228 -5.12 -36.55 -9.34
N ALA A 229 -6.42 -36.27 -9.25
CA ALA A 229 -7.18 -35.73 -10.35
C ALA A 229 -6.67 -34.29 -10.62
N PRO A 230 -6.50 -33.86 -11.89
CA PRO A 230 -6.09 -32.46 -12.12
C PRO A 230 -6.91 -31.41 -11.37
N GLU A 231 -8.23 -31.60 -11.21
CA GLU A 231 -9.07 -30.66 -10.46
C GLU A 231 -8.60 -30.47 -9.00
N ALA A 232 -8.10 -31.53 -8.35
CA ALA A 232 -7.56 -31.40 -6.98
C ALA A 232 -6.28 -30.55 -6.95
N VAL A 233 -5.41 -30.74 -7.94
CA VAL A 233 -4.17 -29.94 -8.03
C VAL A 233 -4.48 -28.47 -8.39
N LEU A 234 -5.49 -28.25 -9.25
CA LEU A 234 -5.91 -26.90 -9.63
C LEU A 234 -6.34 -26.11 -8.40
N GLU A 235 -7.03 -26.77 -7.46
CA GLU A 235 -7.45 -26.15 -6.22
C GLU A 235 -6.23 -25.63 -5.42
N LEU A 236 -5.07 -26.34 -5.43
CA LEU A 236 -3.86 -25.82 -4.76
C LEU A 236 -3.38 -24.53 -5.43
N PHE A 237 -3.31 -24.54 -6.76
CA PHE A 237 -2.85 -23.40 -7.53
C PHE A 237 -3.76 -22.18 -7.31
N ALA A 238 -5.07 -22.42 -7.26
CA ALA A 238 -6.07 -21.36 -7.06
C ALA A 238 -6.25 -20.96 -5.60
N ARG A 239 -5.61 -21.62 -4.63
CA ARG A 239 -5.87 -21.39 -3.19
C ARG A 239 -5.60 -19.96 -2.72
N ARG A 240 -4.60 -19.31 -3.31
CA ARG A 240 -4.27 -17.92 -2.99
C ARG A 240 -5.34 -16.94 -3.49
N ASN A 241 -6.16 -17.34 -4.49
CA ASN A 241 -7.20 -16.49 -5.05
C ASN A 241 -8.45 -16.65 -4.21
N PRO A 242 -8.93 -15.59 -3.51
CA PRO A 242 -10.14 -15.73 -2.70
C PRO A 242 -11.38 -16.22 -3.49
N GLN A 243 -11.41 -15.98 -4.81
CA GLN A 243 -12.51 -16.41 -5.67
C GLN A 243 -12.54 -17.93 -5.94
N GLY A 244 -11.50 -18.66 -5.55
CA GLY A 244 -11.47 -20.11 -5.69
C GLY A 244 -11.30 -20.61 -7.11
N ARG A 245 -10.72 -19.78 -7.96
CA ARG A 245 -10.50 -20.11 -9.37
C ARG A 245 -9.28 -19.35 -9.85
N LEU A 246 -8.78 -19.71 -11.03
CA LEU A 246 -7.66 -18.98 -11.61
C LEU A 246 -8.19 -17.78 -12.37
N VAL A 247 -7.33 -16.78 -12.54
CA VAL A 247 -7.65 -15.60 -13.33
C VAL A 247 -7.69 -16.07 -14.79
N ARG A 248 -8.56 -15.50 -15.61
CA ARG A 248 -8.62 -15.83 -17.03
C ARG A 248 -7.76 -14.84 -17.81
N PRO A 249 -7.02 -15.25 -18.86
CA PRO A 249 -6.25 -14.28 -19.65
C PRO A 249 -7.07 -13.09 -20.17
N GLU A 250 -8.35 -13.31 -20.53
CA GLU A 250 -9.21 -12.23 -21.02
C GLU A 250 -9.48 -11.16 -19.95
N GLU A 251 -9.48 -11.53 -18.67
CA GLU A 251 -9.67 -10.57 -17.58
C GLU A 251 -8.47 -9.63 -17.49
N VAL A 252 -7.24 -10.16 -17.70
CA VAL A 252 -6.04 -9.32 -17.72
C VAL A 252 -6.12 -8.37 -18.93
N ALA A 253 -6.51 -8.91 -20.09
CA ALA A 253 -6.65 -8.16 -21.33
C ALA A 253 -7.69 -7.04 -21.21
N TRP A 254 -8.80 -7.29 -20.48
CA TRP A 254 -9.87 -6.32 -20.30
C TRP A 254 -9.34 -5.08 -19.56
N ALA A 255 -8.48 -5.28 -18.57
CA ALA A 255 -7.86 -4.16 -17.85
C ALA A 255 -6.93 -3.36 -18.78
N VAL A 256 -6.20 -4.03 -19.66
CA VAL A 256 -5.29 -3.37 -20.60
C VAL A 256 -6.07 -2.45 -21.58
N VAL A 257 -7.14 -2.96 -22.20
CA VAL A 257 -7.90 -2.17 -23.17
C VAL A 257 -8.61 -0.98 -22.47
N TRP A 258 -9.10 -1.16 -21.24
CA TRP A 258 -9.70 -0.08 -20.44
C TRP A 258 -8.69 1.09 -20.27
N LEU A 259 -7.42 0.77 -19.98
CA LEU A 259 -6.39 1.80 -19.81
C LEU A 259 -6.09 2.58 -21.09
N CYS A 260 -6.29 1.97 -22.27
CA CYS A 260 -6.01 2.64 -23.54
C CYS A 260 -7.03 3.70 -23.95
N SER A 261 -8.21 3.74 -23.34
CA SER A 261 -9.22 4.74 -23.65
C SER A 261 -8.73 6.14 -23.26
N GLU A 262 -9.24 7.17 -23.96
CA GLU A 262 -9.03 8.57 -23.62
C GLU A 262 -9.65 8.88 -22.26
N LYS A 263 -10.73 8.19 -21.88
CA LYS A 263 -11.37 8.38 -20.58
C LYS A 263 -10.57 7.80 -19.41
N ALA A 264 -9.50 7.01 -19.67
CA ALA A 264 -8.60 6.51 -18.64
C ALA A 264 -7.33 7.40 -18.54
N ALA A 265 -7.35 8.62 -19.09
CA ALA A 265 -6.19 9.52 -18.99
C ALA A 265 -5.85 9.82 -17.52
N ALA A 266 -6.87 9.90 -16.64
CA ALA A 266 -6.64 10.15 -15.21
C ALA A 266 -6.05 8.92 -14.46
N ILE A 267 -5.95 7.75 -15.13
CA ILE A 267 -5.36 6.55 -14.52
C ILE A 267 -3.90 6.58 -14.92
N ASN A 268 -3.04 6.93 -13.96
CA ASN A 268 -1.62 7.09 -14.22
C ASN A 268 -0.82 6.73 -12.98
N GLY A 269 0.22 5.94 -13.20
CA GLY A 269 1.10 5.46 -12.16
C GLY A 269 0.48 4.38 -11.30
N GLN A 270 -0.58 3.72 -11.79
CA GLN A 270 -1.31 2.76 -10.99
C GLN A 270 -0.87 1.35 -11.20
N ALA A 271 -1.09 0.51 -10.18
CA ALA A 271 -0.88 -0.93 -10.27
C ALA A 271 -2.29 -1.54 -10.08
N ILE A 272 -2.80 -2.18 -11.13
CA ILE A 272 -4.13 -2.76 -11.15
C ILE A 272 -3.96 -4.27 -10.90
N ALA A 273 -4.32 -4.75 -9.70
CA ALA A 273 -4.22 -6.16 -9.39
C ALA A 273 -5.43 -6.91 -9.97
N VAL A 274 -5.16 -7.98 -10.74
CA VAL A 274 -6.17 -8.82 -11.37
C VAL A 274 -5.95 -10.19 -10.75
N ALA A 275 -6.42 -10.35 -9.53
CA ALA A 275 -6.12 -11.55 -8.75
C ALA A 275 -7.22 -11.96 -7.77
N GLY A 276 -8.46 -11.52 -8.01
CA GLY A 276 -9.61 -11.94 -7.21
C GLY A 276 -9.67 -11.47 -5.78
N GLY A 277 -8.73 -10.63 -5.36
CA GLY A 277 -8.64 -10.17 -3.98
C GLY A 277 -7.40 -10.68 -3.25
N GLU A 278 -6.52 -11.46 -3.93
CA GLU A 278 -5.29 -11.98 -3.33
C GLU A 278 -4.43 -10.82 -2.77
N VAL A 279 -4.27 -9.77 -3.57
CA VAL A 279 -3.60 -8.54 -3.18
C VAL A 279 -4.64 -7.44 -3.31
N MET A 280 -4.83 -6.67 -2.25
CA MET A 280 -5.78 -5.58 -2.26
C MET A 280 -4.98 -4.28 -2.14
N VAL A 281 -4.84 -3.62 -3.27
CA VAL A 281 -3.99 -2.44 -3.40
C VAL A 281 -4.52 -1.21 -2.67
N GLY A 282 -3.60 -0.34 -2.29
CA GLY A 282 -3.92 0.95 -1.70
C GLY A 282 -2.69 1.87 -1.75
N MET B 22 17.34 1.96 24.17
CA MET B 22 18.14 0.74 24.00
C MET B 22 19.26 0.69 25.04
N ASP B 23 19.58 -0.52 25.54
CA ASP B 23 20.64 -0.71 26.54
C ASP B 23 22.02 -0.82 25.84
N PRO B 24 23.14 -0.32 26.43
CA PRO B 24 24.44 -0.46 25.75
C PRO B 24 25.04 -1.88 25.74
N LYS B 25 24.28 -2.90 26.18
CA LYS B 25 24.70 -4.31 26.21
C LYS B 25 23.79 -5.23 25.33
N SER B 26 22.73 -4.68 24.70
CA SER B 26 21.74 -5.46 23.95
C SER B 26 22.28 -6.36 22.81
N LEU B 27 23.14 -5.83 21.93
CA LEU B 27 23.69 -6.59 20.82
C LEU B 27 25.10 -7.10 21.06
N VAL B 28 25.55 -7.19 22.33
CA VAL B 28 26.89 -7.69 22.65
C VAL B 28 27.02 -9.13 22.14
N GLY B 29 28.14 -9.44 21.49
CA GLY B 29 28.37 -10.77 20.95
C GLY B 29 27.82 -10.94 19.55
N LYS B 30 27.28 -9.85 18.91
CA LYS B 30 26.76 -9.98 17.56
C LYS B 30 27.66 -9.23 16.61
N HIS B 31 28.11 -9.91 15.56
CA HIS B 31 28.93 -9.33 14.53
C HIS B 31 27.98 -8.73 13.47
N ALA B 32 28.05 -7.42 13.32
CA ALA B 32 27.29 -6.70 12.31
C ALA B 32 28.23 -6.18 11.25
N LEU B 33 27.84 -6.34 9.97
CA LEU B 33 28.57 -5.83 8.83
C LEU B 33 27.68 -4.74 8.17
N VAL B 34 28.22 -3.54 8.01
CA VAL B 34 27.53 -2.40 7.40
C VAL B 34 28.27 -1.97 6.15
N THR B 35 27.59 -1.97 5.00
CA THR B 35 28.18 -1.49 3.76
C THR B 35 27.96 0.01 3.64
N GLY B 36 28.89 0.68 3.00
CA GLY B 36 28.85 2.13 2.84
C GLY B 36 28.84 2.85 4.17
N ALA B 37 29.78 2.49 5.05
CA ALA B 37 29.72 2.88 6.45
C ALA B 37 30.69 3.96 6.91
N SER B 38 31.46 4.59 6.03
CA SER B 38 32.44 5.61 6.43
C SER B 38 31.80 7.01 6.57
N ARG B 39 30.72 7.30 5.84
CA ARG B 39 30.04 8.60 5.88
C ARG B 39 28.52 8.42 5.79
N GLY B 40 27.80 9.51 6.06
CA GLY B 40 26.36 9.59 5.96
C GLY B 40 25.56 8.65 6.82
N ILE B 41 24.46 8.12 6.25
CA ILE B 41 23.55 7.22 6.95
C ILE B 41 24.27 5.97 7.44
N GLY B 42 25.12 5.38 6.62
CA GLY B 42 25.89 4.19 7.01
C GLY B 42 26.74 4.41 8.25
N ALA B 43 27.39 5.58 8.33
CA ALA B 43 28.21 5.95 9.49
C ALA B 43 27.34 6.08 10.75
N ALA B 44 26.14 6.65 10.62
CA ALA B 44 25.23 6.79 11.74
C ALA B 44 24.69 5.43 12.19
N ILE B 45 24.42 4.54 11.22
CA ILE B 45 23.97 3.16 11.52
C ILE B 45 25.07 2.45 12.29
N ALA B 46 26.32 2.56 11.81
CA ALA B 46 27.46 1.95 12.48
C ALA B 46 27.60 2.47 13.92
N GLU B 47 27.45 3.78 14.13
CA GLU B 47 27.55 4.35 15.47
C GLU B 47 26.47 3.83 16.43
N ALA B 48 25.23 3.72 15.95
CA ALA B 48 24.14 3.22 16.78
C ALA B 48 24.34 1.75 17.14
N LEU B 49 24.82 0.95 16.18
CA LEU B 49 25.13 -0.45 16.44
C LEU B 49 26.29 -0.57 17.44
N ALA B 50 27.30 0.29 17.31
CA ALA B 50 28.44 0.32 18.22
C ALA B 50 28.00 0.65 19.65
N GLN B 51 27.10 1.63 19.81
CA GLN B 51 26.59 1.99 21.13
C GLN B 51 25.74 0.87 21.75
N ALA B 52 25.10 0.04 20.93
CA ALA B 52 24.35 -1.14 21.37
C ALA B 52 25.26 -2.38 21.69
N GLY B 53 26.55 -2.29 21.44
CA GLY B 53 27.49 -3.36 21.76
C GLY B 53 27.82 -4.36 20.68
N ALA B 54 27.39 -4.13 19.43
CA ALA B 54 27.70 -5.05 18.34
C ALA B 54 29.16 -4.89 17.96
N ARG B 55 29.81 -5.97 17.50
CA ARG B 55 31.16 -5.92 16.94
C ARG B 55 30.94 -5.55 15.48
N LEU B 56 31.68 -4.60 14.94
CA LEU B 56 31.42 -4.10 13.59
C LEU B 56 32.46 -4.31 12.54
N THR B 57 32.02 -4.63 11.32
CA THR B 57 32.84 -4.65 10.12
C THR B 57 32.25 -3.55 9.24
N LEU B 58 33.05 -2.54 8.93
CA LEU B 58 32.63 -1.39 8.12
C LEU B 58 33.26 -1.48 6.75
N VAL B 59 32.47 -1.28 5.68
CA VAL B 59 32.96 -1.35 4.32
C VAL B 59 32.73 -0.04 3.59
N ALA B 60 33.75 0.47 2.90
CA ALA B 60 33.67 1.64 2.03
C ALA B 60 34.87 1.64 1.05
N ARG B 61 34.84 2.43 -0.02
CA ARG B 61 35.92 2.41 -1.02
C ARG B 61 37.13 3.24 -0.62
N LYS B 62 36.94 4.42 0.00
CA LYS B 62 38.08 5.28 0.34
C LYS B 62 38.67 4.95 1.69
N LEU B 63 39.98 4.68 1.73
CA LEU B 63 40.65 4.28 2.96
C LEU B 63 40.64 5.31 4.09
N GLN B 64 40.98 6.56 3.79
CA GLN B 64 41.09 7.59 4.83
C GLN B 64 39.80 7.81 5.62
N ASP B 65 38.66 8.01 4.97
CA ASP B 65 37.39 8.20 5.66
C ASP B 65 37.00 6.94 6.44
N LEU B 66 37.30 5.75 5.90
CA LEU B 66 36.97 4.50 6.58
C LEU B 66 37.79 4.32 7.86
N GLU B 67 39.12 4.56 7.79
CA GLU B 67 40.01 4.47 8.95
C GLU B 67 39.54 5.41 10.06
N GLU B 68 39.20 6.67 9.72
CA GLU B 68 38.73 7.64 10.69
C GLU B 68 37.45 7.17 11.37
N ARG B 69 36.51 6.60 10.59
CA ARG B 69 35.25 6.12 11.16
C ARG B 69 35.49 4.94 12.10
N VAL B 70 36.32 3.98 11.68
CA VAL B 70 36.67 2.81 12.51
C VAL B 70 37.27 3.27 13.86
N GLU B 71 38.25 4.17 13.80
CA GLU B 71 38.92 4.69 14.99
C GLU B 71 37.92 5.39 15.93
N ARG B 72 37.02 6.19 15.38
CA ARG B 72 35.99 6.87 16.18
C ARG B 72 35.12 5.86 16.93
N LEU B 73 34.65 4.80 16.24
CA LEU B 73 33.72 3.86 16.84
C LEU B 73 34.37 2.87 17.81
N ARG B 74 35.71 2.77 17.83
CA ARG B 74 36.40 1.96 18.83
C ARG B 74 36.25 2.50 20.26
N ALA B 75 35.72 3.72 20.43
CA ALA B 75 35.40 4.26 21.75
C ALA B 75 34.27 3.44 22.42
N TRP B 76 33.39 2.79 21.62
CA TRP B 76 32.25 2.04 22.13
C TRP B 76 32.34 0.53 22.01
N THR B 77 33.05 -0.01 21.00
CA THR B 77 33.05 -1.47 20.75
C THR B 77 34.27 -1.92 19.92
N GLU B 78 34.37 -3.24 19.59
CA GLU B 78 35.40 -3.72 18.69
C GLU B 78 34.94 -3.39 17.27
N VAL B 79 35.83 -2.78 16.47
CA VAL B 79 35.50 -2.36 15.10
C VAL B 79 36.65 -2.66 14.18
N GLN B 80 36.33 -3.08 12.95
CA GLN B 80 37.29 -3.29 11.89
C GLN B 80 36.74 -2.75 10.59
N GLY B 81 37.63 -2.43 9.68
CA GLY B 81 37.23 -1.90 8.39
C GLY B 81 37.82 -2.70 7.27
N GLU B 82 37.12 -2.72 6.13
CA GLU B 82 37.58 -3.35 4.92
C GLU B 82 37.26 -2.46 3.73
N VAL B 83 38.30 -2.11 2.97
CA VAL B 83 38.15 -1.30 1.76
C VAL B 83 37.54 -2.19 0.69
N GLY B 84 36.45 -1.71 0.07
CA GLY B 84 35.80 -2.49 -0.98
C GLY B 84 34.64 -1.78 -1.65
N ASP B 85 34.41 -2.16 -2.91
CA ASP B 85 33.29 -1.66 -3.71
C ASP B 85 32.25 -2.80 -3.72
N VAL B 86 31.03 -2.53 -3.23
CA VAL B 86 29.97 -3.57 -3.17
C VAL B 86 29.62 -4.17 -4.54
N ALA B 87 29.83 -3.40 -5.63
CA ALA B 87 29.58 -3.87 -7.00
C ALA B 87 30.73 -4.73 -7.57
N ASP B 88 31.80 -5.03 -6.80
CA ASP B 88 32.92 -5.87 -7.24
C ASP B 88 32.78 -7.23 -6.55
N PRO B 89 32.22 -8.27 -7.21
CA PRO B 89 32.02 -9.55 -6.50
C PRO B 89 33.25 -10.22 -5.93
N GLN B 90 34.37 -10.20 -6.66
CA GLN B 90 35.60 -10.84 -6.21
C GLN B 90 36.16 -10.10 -4.99
N ALA B 91 36.17 -8.75 -5.02
CA ALA B 91 36.67 -7.99 -3.88
C ALA B 91 35.80 -8.24 -2.64
N MET B 92 34.47 -8.31 -2.82
CA MET B 92 33.54 -8.56 -1.72
C MET B 92 33.71 -9.95 -1.11
N GLU B 93 33.93 -11.00 -1.93
CA GLU B 93 34.14 -12.35 -1.39
C GLU B 93 35.40 -12.38 -0.51
N SER B 94 36.50 -11.81 -1.00
CA SER B 94 37.77 -11.78 -0.26
C SER B 94 37.61 -11.00 1.03
N LEU B 95 36.98 -9.83 0.93
CA LEU B 95 36.71 -8.92 2.05
C LEU B 95 35.93 -9.64 3.16
N VAL B 96 34.88 -10.35 2.77
CA VAL B 96 33.98 -11.04 3.69
C VAL B 96 34.72 -12.18 4.37
N HIS B 97 35.56 -12.91 3.61
CA HIS B 97 36.35 -13.98 4.19
C HIS B 97 37.31 -13.43 5.26
N ARG B 98 37.99 -12.33 4.96
CA ARG B 98 38.91 -11.69 5.90
C ARG B 98 38.19 -11.20 7.16
N ALA B 99 37.03 -10.55 6.98
CA ALA B 99 36.25 -10.03 8.10
C ALA B 99 35.78 -11.13 9.05
N GLN B 100 35.37 -12.28 8.51
CA GLN B 100 34.89 -13.39 9.32
C GLN B 100 36.04 -14.18 9.98
N GLU B 101 37.26 -14.10 9.45
CA GLU B 101 38.42 -14.71 10.09
C GLU B 101 38.70 -14.04 11.44
N ARG B 102 38.52 -12.71 11.51
CA ARG B 102 38.79 -11.94 12.72
C ARG B 102 37.60 -11.92 13.70
N PHE B 103 36.38 -11.62 13.23
CA PHE B 103 35.20 -11.50 14.11
C PHE B 103 34.15 -12.60 14.00
N GLY B 104 34.42 -13.66 13.25
CA GLY B 104 33.49 -14.77 13.13
C GLY B 104 32.31 -14.49 12.21
N PRO B 105 31.34 -15.41 12.16
CA PRO B 105 30.19 -15.23 11.27
C PRO B 105 29.40 -13.95 11.49
N VAL B 106 28.91 -13.36 10.41
CA VAL B 106 28.10 -12.15 10.46
C VAL B 106 26.67 -12.54 10.84
N ALA B 107 26.17 -11.98 11.94
CA ALA B 107 24.80 -12.19 12.40
C ALA B 107 23.84 -11.12 11.85
N ILE B 108 24.32 -9.88 11.67
CA ILE B 108 23.50 -8.76 11.22
C ILE B 108 24.14 -8.16 9.97
N LEU B 109 23.40 -8.07 8.87
CA LEU B 109 23.89 -7.46 7.64
C LEU B 109 23.05 -6.23 7.34
N VAL B 110 23.69 -5.10 7.16
CA VAL B 110 23.04 -3.87 6.75
C VAL B 110 23.55 -3.48 5.37
N ASN B 111 22.68 -3.63 4.34
CA ASN B 111 23.01 -3.23 2.97
C ASN B 111 22.66 -1.76 2.85
N ASN B 112 23.65 -0.90 3.04
CA ASN B 112 23.44 0.54 3.00
C ASN B 112 24.03 1.20 1.76
N ALA B 113 25.16 0.71 1.19
CA ALA B 113 25.73 1.37 0.00
C ALA B 113 24.70 1.46 -1.14
N GLY B 114 24.60 2.64 -1.74
CA GLY B 114 23.64 2.91 -2.81
C GLY B 114 24.25 3.72 -3.94
N PHE B 115 23.42 4.02 -4.94
CA PHE B 115 23.85 4.80 -6.11
C PHE B 115 22.66 5.55 -6.66
N VAL B 116 22.82 6.85 -6.93
CA VAL B 116 21.77 7.62 -7.56
C VAL B 116 22.39 8.66 -8.47
N LEU B 117 21.83 8.81 -9.67
CA LEU B 117 22.17 9.87 -10.59
C LEU B 117 20.91 10.20 -11.37
N THR B 118 20.28 11.27 -11.00
CA THR B 118 19.02 11.67 -11.60
C THR B 118 19.24 12.29 -12.97
N ALA B 119 18.31 12.05 -13.89
CA ALA B 119 18.38 12.55 -15.27
C ALA B 119 17.05 12.29 -15.98
N PRO B 120 16.75 12.99 -17.08
CA PRO B 120 15.58 12.62 -17.87
C PRO B 120 15.70 11.20 -18.38
N PHE B 121 14.61 10.43 -18.34
CA PHE B 121 14.58 9.05 -18.80
C PHE B 121 15.28 8.79 -20.15
N LEU B 122 15.04 9.65 -21.16
CA LEU B 122 15.69 9.44 -22.47
C LEU B 122 17.21 9.57 -22.45
N GLU B 123 17.78 10.19 -21.42
CA GLU B 123 19.23 10.30 -21.27
C GLU B 123 19.85 9.12 -20.49
N ILE B 124 19.05 8.11 -20.08
CA ILE B 124 19.57 6.98 -19.35
C ILE B 124 20.04 5.91 -20.33
N ASN B 125 21.35 5.89 -20.57
CA ASN B 125 21.96 4.88 -21.42
C ASN B 125 22.07 3.55 -20.63
N GLU B 126 22.34 2.45 -21.34
CA GLU B 126 22.41 1.12 -20.75
C GLU B 126 23.29 1.06 -19.49
N GLU B 127 24.47 1.61 -19.57
CA GLU B 127 25.43 1.53 -18.49
C GLU B 127 24.97 2.28 -17.23
N LEU B 128 24.31 3.43 -17.39
CA LEU B 128 23.82 4.20 -16.24
C LEU B 128 22.64 3.45 -15.58
N TRP B 129 21.77 2.86 -16.41
CA TRP B 129 20.69 2.02 -15.91
C TRP B 129 21.28 0.84 -15.06
N GLN B 130 22.25 0.13 -15.63
CA GLN B 130 22.89 -1.01 -14.97
C GLN B 130 23.60 -0.61 -13.67
N ARG B 131 24.25 0.56 -13.60
CA ARG B 131 24.91 0.99 -12.37
C ARG B 131 23.90 1.15 -11.23
N HIS B 132 22.69 1.69 -11.53
CA HIS B 132 21.66 1.83 -10.50
C HIS B 132 21.20 0.44 -10.02
N ILE B 133 20.97 -0.49 -10.96
CA ILE B 133 20.49 -1.82 -10.61
C ILE B 133 21.56 -2.58 -9.82
N GLU B 134 22.80 -2.51 -10.27
CA GLU B 134 23.90 -3.26 -9.66
C GLU B 134 24.26 -2.82 -8.25
N VAL B 135 24.40 -1.52 -8.01
CA VAL B 135 24.83 -1.04 -6.69
C VAL B 135 23.69 -1.15 -5.67
N ASN B 136 22.47 -0.75 -6.03
CA ASN B 136 21.35 -0.77 -5.08
C ASN B 136 20.67 -2.11 -4.88
N LEU B 137 20.74 -3.01 -5.87
CA LEU B 137 19.99 -4.27 -5.81
C LEU B 137 20.88 -5.51 -5.99
N GLY B 138 21.62 -5.58 -7.10
CA GLY B 138 22.49 -6.71 -7.39
C GLY B 138 23.49 -7.00 -6.26
N ALA B 139 24.12 -5.93 -5.76
CA ALA B 139 25.09 -6.02 -4.65
C ALA B 139 24.47 -6.56 -3.37
N ALA B 140 23.22 -6.19 -3.06
CA ALA B 140 22.54 -6.68 -1.88
C ALA B 140 22.26 -8.18 -2.05
N TYR B 141 21.76 -8.60 -3.22
CA TYR B 141 21.54 -10.02 -3.54
C TYR B 141 22.85 -10.85 -3.31
N ARG B 142 23.98 -10.37 -3.86
CA ARG B 142 25.23 -11.12 -3.75
C ARG B 142 25.76 -11.22 -2.33
N LEU B 143 25.70 -10.11 -1.59
CA LEU B 143 26.20 -10.10 -0.22
C LEU B 143 25.33 -10.95 0.72
N ILE B 144 24.00 -10.91 0.52
CA ILE B 144 23.09 -11.76 1.29
C ILE B 144 23.40 -13.23 0.96
N ARG B 145 23.59 -13.55 -0.32
CA ARG B 145 23.92 -14.93 -0.71
C ARG B 145 25.22 -15.41 -0.03
N LEU B 146 26.21 -14.53 0.11
CA LEU B 146 27.47 -14.88 0.78
C LEU B 146 27.32 -15.09 2.28
N LEU B 147 26.50 -14.27 2.95
CA LEU B 147 26.37 -14.31 4.41
C LEU B 147 25.19 -15.08 4.97
N LEU B 148 24.22 -15.44 4.13
CA LEU B 148 23.05 -16.18 4.58
C LEU B 148 23.43 -17.57 5.16
N PRO B 149 24.36 -18.36 4.57
CA PRO B 149 24.68 -19.66 5.17
C PRO B 149 25.08 -19.58 6.65
N GLY B 150 25.88 -18.59 7.01
CA GLY B 150 26.32 -18.41 8.39
C GLY B 150 25.18 -18.08 9.32
N MET B 151 24.22 -17.29 8.85
CA MET B 151 23.01 -16.96 9.63
C MET B 151 22.14 -18.20 9.81
N LEU B 152 21.98 -18.99 8.76
CA LEU B 152 21.19 -20.23 8.85
C LEU B 152 21.84 -21.20 9.84
N GLU B 153 23.17 -21.30 9.83
CA GLU B 153 23.90 -22.18 10.77
C GLU B 153 23.73 -21.72 12.22
N MET B 154 23.79 -20.40 12.49
CA MET B 154 23.59 -19.88 13.84
C MET B 154 22.12 -19.95 14.31
N GLY B 155 21.16 -20.13 13.38
CA GLY B 155 19.74 -20.14 13.73
C GLY B 155 19.17 -18.76 14.06
N TRP B 156 19.90 -17.69 13.73
CA TRP B 156 19.47 -16.32 14.02
C TRP B 156 20.16 -15.36 13.06
N GLY B 157 19.44 -14.34 12.63
CA GLY B 157 20.03 -13.34 11.77
C GLY B 157 19.13 -12.16 11.51
N ARG B 158 19.74 -11.09 11.02
CA ARG B 158 19.01 -9.88 10.63
C ARG B 158 19.57 -9.37 9.34
N ILE B 159 18.71 -9.19 8.33
CA ILE B 159 19.10 -8.62 7.06
C ILE B 159 18.28 -7.33 6.95
N ILE B 160 18.98 -6.19 6.88
CA ILE B 160 18.34 -4.87 6.82
C ILE B 160 18.83 -4.16 5.57
N ASN B 161 17.91 -3.90 4.65
CA ASN B 161 18.21 -3.24 3.39
C ASN B 161 17.81 -1.78 3.45
N ILE B 162 18.74 -0.87 3.19
CA ILE B 162 18.42 0.55 3.19
C ILE B 162 17.95 0.86 1.80
N SER B 163 16.64 1.00 1.65
CA SER B 163 16.05 1.35 0.40
C SER B 163 15.90 2.91 0.38
N SER B 164 14.71 3.45 0.22
CA SER B 164 14.44 4.88 0.14
C SER B 164 12.93 5.05 0.06
N THR B 165 12.43 6.27 0.25
CA THR B 165 11.03 6.56 -0.09
C THR B 165 10.86 6.30 -1.65
N ALA B 166 11.97 6.37 -2.45
CA ALA B 166 11.96 6.02 -3.88
C ALA B 166 11.71 4.49 -4.13
N GLY B 167 11.79 3.67 -3.09
CA GLY B 167 11.40 2.26 -3.14
C GLY B 167 9.91 2.06 -2.90
N LEU B 168 9.19 3.13 -2.47
CA LEU B 168 7.76 3.11 -2.13
C LEU B 168 6.88 4.00 -2.98
N THR B 169 7.47 4.98 -3.65
CA THR B 169 6.74 5.88 -4.52
C THR B 169 7.68 6.34 -5.66
N GLY B 170 7.11 6.98 -6.65
CA GLY B 170 7.88 7.51 -7.78
C GLY B 170 8.40 8.90 -7.53
N TYR B 171 9.44 9.27 -8.27
CA TYR B 171 10.00 10.61 -8.31
C TYR B 171 10.36 10.87 -9.76
N PRO B 172 9.99 12.03 -10.35
CA PRO B 172 10.43 12.29 -11.74
C PRO B 172 11.95 12.41 -11.82
N TYR B 173 12.53 12.01 -12.95
CA TYR B 173 13.98 12.07 -13.20
C TYR B 173 14.78 11.05 -12.36
N ALA B 174 14.11 10.14 -11.66
CA ALA B 174 14.78 9.11 -10.87
C ALA B 174 14.23 7.75 -11.23
N VAL B 175 13.93 7.51 -12.51
CA VAL B 175 13.33 6.24 -12.93
C VAL B 175 14.24 5.03 -12.56
N PRO B 176 15.56 4.99 -12.92
CA PRO B 176 16.38 3.84 -12.51
C PRO B 176 16.53 3.67 -10.99
N TYR B 177 16.61 4.79 -10.25
CA TYR B 177 16.75 4.74 -8.80
C TYR B 177 15.49 4.14 -8.18
N CYS B 178 14.32 4.62 -8.63
CA CYS B 178 13.04 4.09 -8.16
C CYS B 178 12.90 2.62 -8.52
N ALA B 179 13.29 2.22 -9.75
CA ALA B 179 13.20 0.82 -10.15
C ALA B 179 14.08 -0.06 -9.25
N ALA B 180 15.34 0.33 -9.01
CA ALA B 180 16.25 -0.44 -8.18
C ALA B 180 15.83 -0.48 -6.71
N LYS B 181 15.37 0.65 -6.17
CA LYS B 181 14.93 0.71 -4.76
C LYS B 181 13.61 -0.02 -4.54
N HIS B 182 12.73 -0.02 -5.54
CA HIS B 182 11.50 -0.83 -5.47
C HIS B 182 11.93 -2.33 -5.55
N GLY B 183 12.89 -2.65 -6.43
CA GLY B 183 13.40 -4.02 -6.54
C GLY B 183 13.94 -4.55 -5.22
N LEU B 184 14.60 -3.66 -4.45
CA LEU B 184 15.13 -4.01 -3.14
C LEU B 184 13.99 -4.32 -2.13
N ILE B 185 12.84 -3.64 -2.26
CA ILE B 185 11.67 -3.97 -1.45
C ILE B 185 11.16 -5.37 -1.83
N GLY B 186 11.12 -5.67 -3.14
CA GLY B 186 10.69 -6.97 -3.60
C GLY B 186 11.55 -8.10 -3.09
N LEU B 187 12.85 -7.90 -3.13
CA LEU B 187 13.81 -8.88 -2.59
C LEU B 187 13.55 -9.06 -1.06
N THR B 188 13.37 -7.94 -0.34
CA THR B 188 13.08 -7.92 1.10
C THR B 188 11.85 -8.75 1.42
N ARG B 189 10.75 -8.50 0.72
CA ARG B 189 9.49 -9.18 1.00
C ARG B 189 9.54 -10.69 0.73
N ALA B 190 10.06 -11.05 -0.44
CA ALA B 190 10.14 -12.47 -0.81
C ALA B 190 11.07 -13.23 0.12
N LEU B 191 12.25 -12.66 0.45
CA LEU B 191 13.20 -13.33 1.32
C LEU B 191 12.71 -13.39 2.76
N ALA B 192 11.93 -12.41 3.21
CA ALA B 192 11.31 -12.44 4.54
C ALA B 192 10.38 -13.67 4.67
N LEU B 193 9.64 -13.97 3.60
CA LEU B 193 8.77 -15.13 3.62
C LEU B 193 9.55 -16.43 3.52
N GLU B 194 10.58 -16.46 2.68
CA GLU B 194 11.39 -17.67 2.50
C GLU B 194 12.14 -18.05 3.77
N LEU B 195 12.59 -17.06 4.55
CA LEU B 195 13.34 -17.28 5.79
C LEU B 195 12.53 -17.14 7.08
N ALA B 196 11.19 -16.97 6.97
CA ALA B 196 10.34 -16.70 8.13
C ALA B 196 10.49 -17.72 9.27
N GLN B 197 10.64 -18.99 8.96
CA GLN B 197 10.80 -20.03 9.98
C GLN B 197 12.26 -20.46 10.19
N ARG B 198 13.23 -19.67 9.74
CA ARG B 198 14.66 -19.99 9.89
C ARG B 198 15.39 -19.09 10.91
N GLY B 199 14.66 -18.31 11.69
CA GLY B 199 15.26 -17.46 12.71
C GLY B 199 15.83 -16.15 12.21
N ILE B 200 15.59 -15.81 10.94
CA ILE B 200 16.11 -14.60 10.34
C ILE B 200 14.98 -13.69 9.92
N THR B 201 15.09 -12.39 10.17
CA THR B 201 14.12 -11.42 9.66
C THR B 201 14.82 -10.59 8.55
N VAL B 202 14.03 -10.15 7.57
CA VAL B 202 14.50 -9.35 6.43
C VAL B 202 13.57 -8.15 6.37
N ASN B 203 14.13 -6.95 6.49
CA ASN B 203 13.36 -5.72 6.51
C ASN B 203 14.08 -4.63 5.72
N ALA B 204 13.35 -3.57 5.39
CA ALA B 204 13.89 -2.45 4.68
C ALA B 204 13.59 -1.17 5.42
N ILE B 205 14.56 -0.26 5.44
CA ILE B 205 14.38 1.08 5.99
C ILE B 205 14.40 2.00 4.79
N CYS B 206 13.40 2.90 4.72
CA CYS B 206 13.18 3.80 3.60
C CYS B 206 13.26 5.28 4.00
N PRO B 207 14.48 5.83 4.04
CA PRO B 207 14.61 7.26 4.39
C PRO B 207 14.11 8.18 3.29
N GLY B 208 13.59 9.33 3.69
CA GLY B 208 13.36 10.46 2.83
C GLY B 208 14.66 11.26 2.79
N PHE B 209 14.66 12.47 2.21
CA PHE B 209 15.88 13.30 2.16
C PHE B 209 16.49 13.51 3.54
N THR B 210 17.78 13.14 3.67
CA THR B 210 18.49 13.10 4.93
C THR B 210 19.68 14.09 4.92
N ASP B 211 19.88 14.74 6.05
CA ASP B 211 20.92 15.74 6.23
C ASP B 211 22.30 15.08 6.36
N THR B 212 23.05 15.02 5.29
CA THR B 212 24.40 14.46 5.27
C THR B 212 25.38 15.57 4.78
N ASP B 213 26.69 15.33 4.88
CA ASP B 213 27.68 16.25 4.36
C ASP B 213 27.54 16.40 2.85
N LEU B 214 27.18 15.30 2.14
CA LEU B 214 26.98 15.37 0.71
C LEU B 214 25.82 16.32 0.35
N LEU B 215 24.69 16.21 1.08
CA LEU B 215 23.55 17.07 0.82
C LEU B 215 23.91 18.53 1.11
N GLN B 216 24.62 18.80 2.22
CA GLN B 216 25.01 20.17 2.54
C GLN B 216 25.91 20.76 1.47
N ALA B 217 26.80 19.94 0.85
CA ALA B 217 27.65 20.41 -0.25
C ALA B 217 26.79 20.77 -1.46
N SER B 218 25.77 19.97 -1.75
CA SER B 218 24.84 20.22 -2.85
C SER B 218 23.99 21.49 -2.60
N VAL B 219 23.55 21.69 -1.34
CA VAL B 219 22.76 22.87 -0.92
C VAL B 219 23.63 24.13 -1.19
N LEU B 220 24.90 24.11 -0.73
CA LEU B 220 25.79 25.24 -0.91
C LEU B 220 26.10 25.52 -2.39
N ARG B 221 26.28 24.48 -3.20
CA ARG B 221 26.54 24.66 -4.64
C ARG B 221 25.33 25.33 -5.31
N VAL B 222 24.10 24.88 -4.99
CA VAL B 222 22.91 25.49 -5.59
C VAL B 222 22.74 26.94 -5.09
N ALA B 223 22.98 27.19 -3.80
CA ALA B 223 22.88 28.54 -3.24
C ALA B 223 23.87 29.50 -3.93
N GLN B 224 25.12 29.05 -4.13
CA GLN B 224 26.15 29.84 -4.78
C GLN B 224 25.84 30.08 -6.23
N ARG B 225 25.27 29.08 -6.93
CA ARG B 225 24.92 29.22 -8.34
C ARG B 225 23.67 30.08 -8.57
N THR B 226 22.75 30.19 -7.57
CA THR B 226 21.50 30.94 -7.69
C THR B 226 21.46 32.23 -6.83
N ALA B 227 22.57 32.64 -6.20
CA ALA B 227 22.63 33.83 -5.35
C ALA B 227 21.56 33.85 -4.25
N ARG B 228 21.37 32.71 -3.59
CA ARG B 228 20.39 32.52 -2.51
C ARG B 228 21.15 32.10 -1.25
N ALA B 229 20.57 32.39 -0.09
CA ALA B 229 21.15 31.96 1.18
C ALA B 229 21.01 30.39 1.26
N PRO B 230 22.02 29.65 1.76
CA PRO B 230 21.84 28.19 1.91
C PRO B 230 20.54 27.76 2.61
N GLU B 231 20.08 28.49 3.63
CA GLU B 231 18.83 28.18 4.32
C GLU B 231 17.60 28.19 3.36
N ALA B 232 17.58 29.08 2.36
CA ALA B 232 16.46 29.08 1.39
C ALA B 232 16.48 27.82 0.51
N VAL B 233 17.66 27.37 0.10
CA VAL B 233 17.79 26.16 -0.72
C VAL B 233 17.43 24.92 0.12
N LEU B 234 17.82 24.91 1.41
CA LEU B 234 17.51 23.81 2.33
C LEU B 234 15.99 23.65 2.46
N GLU B 235 15.26 24.75 2.51
CA GLU B 235 13.81 24.71 2.57
C GLU B 235 13.20 23.99 1.35
N LEU B 236 13.77 24.18 0.14
CA LEU B 236 13.29 23.46 -1.05
C LEU B 236 13.49 21.97 -0.85
N PHE B 237 14.68 21.56 -0.40
CA PHE B 237 15.03 20.17 -0.21
C PHE B 237 14.11 19.50 0.83
N ALA B 238 13.74 20.22 1.89
CA ALA B 238 12.88 19.70 2.95
C ALA B 238 11.38 19.82 2.67
N ARG B 239 10.98 20.41 1.54
CA ARG B 239 9.58 20.70 1.25
C ARG B 239 8.67 19.46 1.21
N ARG B 240 9.20 18.33 0.77
CA ARG B 240 8.42 17.08 0.73
C ARG B 240 8.22 16.47 2.13
N ASN B 241 9.03 16.88 3.13
CA ASN B 241 8.88 16.35 4.47
C ASN B 241 7.82 17.18 5.20
N PRO B 242 6.68 16.59 5.61
CA PRO B 242 5.67 17.39 6.33
C PRO B 242 6.19 18.07 7.61
N GLN B 243 7.24 17.51 8.21
CA GLN B 243 7.82 18.09 9.43
C GLN B 243 8.65 19.35 9.18
N GLY B 244 8.86 19.74 7.92
CA GLY B 244 9.53 20.98 7.58
C GLY B 244 11.03 21.00 7.82
N ARG B 245 11.65 19.83 7.87
CA ARG B 245 13.08 19.68 8.13
C ARG B 245 13.56 18.41 7.43
N LEU B 246 14.89 18.23 7.34
CA LEU B 246 15.41 17.00 6.78
C LEU B 246 15.44 15.91 7.85
N VAL B 247 15.45 14.66 7.39
CA VAL B 247 15.60 13.53 8.29
C VAL B 247 17.07 13.56 8.78
N ARG B 248 17.31 13.20 10.04
CA ARG B 248 18.68 13.16 10.56
C ARG B 248 19.23 11.73 10.40
N PRO B 249 20.52 11.54 10.05
CA PRO B 249 21.05 10.18 9.96
C PRO B 249 20.80 9.30 11.20
N GLU B 250 20.84 9.88 12.41
CA GLU B 250 20.58 9.11 13.63
C GLU B 250 19.16 8.56 13.74
N GLU B 251 18.18 9.23 13.13
CA GLU B 251 16.80 8.75 13.13
C GLU B 251 16.70 7.48 12.26
N VAL B 252 17.43 7.45 11.13
CA VAL B 252 17.47 6.24 10.28
C VAL B 252 18.14 5.12 11.07
N ALA B 253 19.26 5.44 11.73
CA ALA B 253 20.02 4.49 12.53
C ALA B 253 19.20 3.91 13.68
N TRP B 254 18.37 4.72 14.34
CA TRP B 254 17.50 4.29 15.42
C TRP B 254 16.55 3.17 14.96
N ALA B 255 15.98 3.29 13.75
CA ALA B 255 15.10 2.25 13.20
C ALA B 255 15.88 0.94 12.96
N VAL B 256 17.14 1.06 12.50
CA VAL B 256 17.97 -0.12 12.25
C VAL B 256 18.25 -0.89 13.53
N VAL B 257 18.69 -0.21 14.59
CA VAL B 257 19.03 -0.88 15.84
C VAL B 257 17.81 -1.53 16.48
N TRP B 258 16.64 -0.87 16.41
CA TRP B 258 15.38 -1.42 16.91
C TRP B 258 15.09 -2.80 16.28
N LEU B 259 15.31 -2.91 14.97
CA LEU B 259 15.07 -4.18 14.26
C LEU B 259 15.98 -5.31 14.70
N CYS B 260 17.18 -4.99 15.21
CA CYS B 260 18.15 -6.01 15.62
C CYS B 260 17.86 -6.68 16.95
N SER B 261 16.97 -6.12 17.76
CA SER B 261 16.60 -6.74 19.03
C SER B 261 15.89 -8.06 18.80
N GLU B 262 15.96 -8.98 19.79
CA GLU B 262 15.22 -10.23 19.76
C GLU B 262 13.70 -9.97 19.89
N LYS B 263 13.31 -8.86 20.53
CA LYS B 263 11.89 -8.51 20.66
C LYS B 263 11.30 -7.97 19.35
N ALA B 264 12.13 -7.68 18.31
CA ALA B 264 11.66 -7.29 16.99
C ALA B 264 11.58 -8.51 16.04
N ALA B 265 11.62 -9.76 16.57
CA ALA B 265 11.51 -10.96 15.73
C ALA B 265 10.23 -10.98 14.91
N ALA B 266 9.12 -10.45 15.43
CA ALA B 266 7.86 -10.37 14.72
C ALA B 266 7.82 -9.29 13.61
N ILE B 267 8.86 -8.45 13.50
CA ILE B 267 8.95 -7.42 12.45
C ILE B 267 9.69 -8.08 11.33
N ASN B 268 8.97 -8.49 10.30
CA ASN B 268 9.58 -9.21 9.18
C ASN B 268 8.88 -8.86 7.89
N GLY B 269 9.67 -8.60 6.85
CA GLY B 269 9.17 -8.22 5.54
C GLY B 269 8.64 -6.80 5.45
N GLN B 270 9.01 -5.95 6.43
CA GLN B 270 8.49 -4.60 6.50
C GLN B 270 9.34 -3.57 5.84
N ALA B 271 8.70 -2.49 5.38
CA ALA B 271 9.36 -1.33 4.86
C ALA B 271 9.02 -0.20 5.84
N ILE B 272 10.01 0.28 6.58
CA ILE B 272 9.84 1.32 7.59
C ILE B 272 10.22 2.68 6.97
N ALA B 273 9.25 3.55 6.71
CA ALA B 273 9.53 4.87 6.14
C ALA B 273 9.97 5.83 7.24
N VAL B 274 11.12 6.47 7.03
CA VAL B 274 11.71 7.44 7.97
C VAL B 274 11.76 8.73 7.17
N ALA B 275 10.62 9.38 7.06
CA ALA B 275 10.46 10.53 6.21
C ALA B 275 9.46 11.57 6.70
N GLY B 276 9.17 11.58 8.01
CA GLY B 276 8.30 12.59 8.61
C GLY B 276 6.84 12.58 8.22
N GLY B 277 6.42 11.57 7.45
CA GLY B 277 5.06 11.49 6.93
C GLY B 277 4.97 11.66 5.43
N GLU B 278 6.12 11.86 4.72
CA GLU B 278 6.11 12.02 3.25
C GLU B 278 5.42 10.82 2.57
N VAL B 279 5.77 9.60 3.02
CA VAL B 279 5.15 8.35 2.57
C VAL B 279 4.54 7.75 3.82
N MET B 280 3.30 7.33 3.73
CA MET B 280 2.54 6.77 4.83
C MET B 280 2.24 5.31 4.42
N VAL B 281 3.04 4.39 4.90
CA VAL B 281 2.99 2.98 4.52
C VAL B 281 1.74 2.25 5.01
N GLY B 282 1.34 1.23 4.28
CA GLY B 282 0.24 0.33 4.63
C GLY B 282 0.30 -0.94 3.77
N MET C 22 18.04 1.65 38.73
CA MET C 22 17.63 1.26 37.39
C MET C 22 18.36 2.09 36.33
N ASP C 23 18.93 1.42 35.31
CA ASP C 23 19.64 2.12 34.22
C ASP C 23 18.72 2.68 33.11
N PRO C 24 17.60 2.03 32.67
CA PRO C 24 16.78 2.63 31.60
C PRO C 24 15.96 3.86 32.06
N LYS C 25 16.43 5.06 31.66
CA LYS C 25 15.80 6.32 32.03
C LYS C 25 15.26 7.15 30.83
N SER C 26 15.04 6.51 29.67
CA SER C 26 14.61 7.17 28.42
C SER C 26 13.36 8.08 28.56
N LEU C 27 12.27 7.53 29.08
CA LEU C 27 10.99 8.26 29.18
C LEU C 27 10.71 8.77 30.56
N VAL C 28 11.75 8.95 31.41
CA VAL C 28 11.55 9.37 32.80
C VAL C 28 10.75 10.65 32.89
N GLY C 29 9.71 10.60 33.72
CA GLY C 29 8.86 11.73 33.94
C GLY C 29 7.70 11.84 32.99
N LYS C 30 7.76 11.27 31.78
CA LYS C 30 6.70 11.44 30.80
C LYS C 30 5.45 10.74 31.27
N HIS C 31 4.30 11.45 31.26
CA HIS C 31 3.03 10.85 31.67
C HIS C 31 2.46 10.13 30.44
N ALA C 32 2.31 8.83 30.53
CA ALA C 32 1.73 7.99 29.50
C ALA C 32 0.42 7.42 29.98
N LEU C 33 -0.62 7.53 29.13
CA LEU C 33 -1.92 6.95 29.40
C LEU C 33 -2.15 5.84 28.38
N VAL C 34 -2.44 4.64 28.88
CA VAL C 34 -2.66 3.48 28.04
C VAL C 34 -4.07 3.00 28.28
N THR C 35 -4.88 2.93 27.22
CA THR C 35 -6.23 2.38 27.35
C THR C 35 -6.20 0.88 27.19
N GLY C 36 -7.10 0.21 27.87
CA GLY C 36 -7.20 -1.24 27.85
C GLY C 36 -5.93 -1.89 28.36
N ALA C 37 -5.47 -1.44 29.54
CA ALA C 37 -4.15 -1.77 30.03
C ALA C 37 -4.05 -2.75 31.19
N SER C 38 -5.15 -3.42 31.57
CA SER C 38 -5.10 -4.37 32.67
C SER C 38 -4.66 -5.77 32.23
N ARG C 39 -4.87 -6.14 30.97
CA ARG C 39 -4.52 -7.44 30.40
C ARG C 39 -4.02 -7.27 28.95
N GLY C 40 -3.40 -8.32 28.43
CA GLY C 40 -3.05 -8.43 27.03
C GLY C 40 -2.00 -7.48 26.54
N ILE C 41 -2.17 -7.03 25.29
CA ILE C 41 -1.24 -6.12 24.63
C ILE C 41 -1.09 -4.82 25.43
N GLY C 42 -2.18 -4.28 25.92
CA GLY C 42 -2.14 -3.05 26.72
C GLY C 42 -1.31 -3.17 27.98
N ALA C 43 -1.42 -4.31 28.68
CA ALA C 43 -0.61 -4.57 29.87
C ALA C 43 0.88 -4.70 29.51
N ALA C 44 1.19 -5.32 28.38
CA ALA C 44 2.58 -5.45 27.92
C ALA C 44 3.14 -4.08 27.52
N ILE C 45 2.32 -3.22 26.91
CA ILE C 45 2.72 -1.86 26.53
C ILE C 45 3.02 -1.09 27.80
N ALA C 46 2.09 -1.17 28.79
CA ALA C 46 2.27 -0.52 30.08
C ALA C 46 3.55 -0.97 30.77
N GLU C 47 3.83 -2.29 30.77
CA GLU C 47 5.05 -2.81 31.39
C GLU C 47 6.32 -2.26 30.74
N ALA C 48 6.36 -2.21 29.41
CA ALA C 48 7.52 -1.71 28.68
C ALA C 48 7.71 -0.21 28.96
N LEU C 49 6.60 0.56 29.00
CA LEU C 49 6.70 1.99 29.31
C LEU C 49 7.14 2.21 30.76
N ALA C 50 6.66 1.38 31.69
CA ALA C 50 7.08 1.44 33.09
C ALA C 50 8.58 1.17 33.24
N GLN C 51 9.10 0.17 32.53
CA GLN C 51 10.52 -0.15 32.57
C GLN C 51 11.38 0.96 31.95
N ALA C 52 10.83 1.74 30.99
CA ALA C 52 11.50 2.89 30.39
C ALA C 52 11.41 4.17 31.27
N GLY C 53 10.69 4.13 32.39
CA GLY C 53 10.59 5.25 33.31
C GLY C 53 9.39 6.19 33.17
N ALA C 54 8.42 5.88 32.29
CA ALA C 54 7.24 6.73 32.16
C ALA C 54 6.36 6.60 33.41
N ARG C 55 5.59 7.64 33.73
CA ARG C 55 4.58 7.61 34.81
C ARG C 55 3.31 7.16 34.09
N LEU C 56 2.64 6.14 34.61
CA LEU C 56 1.51 5.54 33.90
C LEU C 56 0.12 5.73 34.48
N THR C 57 -0.85 5.97 33.59
CA THR C 57 -2.26 5.96 33.91
C THR C 57 -2.79 4.79 33.08
N LEU C 58 -3.29 3.77 33.77
CA LEU C 58 -3.84 2.58 33.14
C LEU C 58 -5.34 2.64 33.20
N VAL C 59 -6.01 2.41 32.05
CA VAL C 59 -7.46 2.47 31.98
C VAL C 59 -8.02 1.13 31.58
N ALA C 60 -9.07 0.69 32.27
CA ALA C 60 -9.81 -0.52 31.93
C ALA C 60 -11.18 -0.46 32.63
N ARG C 61 -12.13 -1.29 32.22
CA ARG C 61 -13.48 -1.25 32.81
C ARG C 61 -13.54 -1.93 34.16
N LYS C 62 -12.85 -3.07 34.35
CA LYS C 62 -12.91 -3.82 35.61
C LYS C 62 -11.82 -3.41 36.57
N LEU C 63 -12.21 -3.00 37.76
CA LEU C 63 -11.25 -2.57 38.78
C LEU C 63 -10.31 -3.66 39.26
N GLN C 64 -10.76 -4.89 39.35
CA GLN C 64 -9.98 -5.97 39.96
C GLN C 64 -8.67 -6.27 39.21
N ASP C 65 -8.76 -6.57 37.90
CA ASP C 65 -7.55 -6.80 37.10
C ASP C 65 -6.71 -5.52 36.99
N LEU C 66 -7.36 -4.36 36.95
CA LEU C 66 -6.65 -3.10 36.83
C LEU C 66 -5.79 -2.83 38.06
N GLU C 67 -6.35 -2.98 39.27
CA GLU C 67 -5.61 -2.73 40.51
C GLU C 67 -4.45 -3.69 40.66
N GLU C 68 -4.61 -4.96 40.29
CA GLU C 68 -3.51 -5.92 40.33
C GLU C 68 -2.38 -5.50 39.35
N ARG C 69 -2.74 -5.02 38.14
CA ARG C 69 -1.74 -4.58 37.17
C ARG C 69 -0.97 -3.37 37.68
N VAL C 70 -1.70 -2.41 38.26
CA VAL C 70 -1.11 -1.18 38.83
C VAL C 70 -0.09 -1.55 39.92
N GLU C 71 -0.46 -2.46 40.83
CA GLU C 71 0.43 -2.90 41.92
C GLU C 71 1.68 -3.59 41.37
N ARG C 72 1.54 -4.41 40.32
CA ARG C 72 2.69 -5.06 39.70
C ARG C 72 3.66 -4.02 39.11
N LEU C 73 3.14 -3.03 38.38
CA LEU C 73 3.99 -2.05 37.72
C LEU C 73 4.60 -1.00 38.63
N ARG C 74 4.09 -0.86 39.87
CA ARG C 74 4.71 0.04 40.84
C ARG C 74 6.12 -0.39 41.24
N ALA C 75 6.55 -1.63 40.91
CA ALA C 75 7.92 -2.08 41.14
C ALA C 75 8.92 -1.26 40.29
N TRP C 76 8.49 -0.72 39.12
CA TRP C 76 9.35 0.03 38.23
C TRP C 76 9.13 1.53 38.19
N THR C 77 7.90 2.03 38.44
CA THR C 77 7.62 3.47 38.25
C THR C 77 6.36 3.90 39.05
N GLU C 78 5.98 5.19 38.96
CA GLU C 78 4.74 5.67 39.56
C GLU C 78 3.60 5.27 38.61
N VAL C 79 2.55 4.64 39.17
CA VAL C 79 1.43 4.13 38.37
C VAL C 79 0.13 4.43 39.08
N GLN C 80 -0.91 4.72 38.31
CA GLN C 80 -2.27 4.85 38.81
C GLN C 80 -3.23 4.17 37.84
N GLY C 81 -4.36 3.73 38.37
CA GLY C 81 -5.38 3.10 37.57
C GLY C 81 -6.64 3.93 37.59
N GLU C 82 -7.35 3.97 36.46
CA GLU C 82 -8.61 4.68 36.34
C GLU C 82 -9.61 3.78 35.66
N VAL C 83 -10.73 3.54 36.32
CA VAL C 83 -11.79 2.72 35.77
C VAL C 83 -12.59 3.54 34.75
N GLY C 84 -12.79 2.95 33.59
CA GLY C 84 -13.60 3.58 32.57
C GLY C 84 -13.72 2.80 31.29
N ASP C 85 -14.85 3.00 30.60
CA ASP C 85 -15.14 2.43 29.30
C ASP C 85 -14.82 3.51 28.28
N VAL C 86 -13.88 3.23 27.37
CA VAL C 86 -13.45 4.22 26.37
C VAL C 86 -14.58 4.69 25.44
N ALA C 87 -15.63 3.90 25.31
CA ALA C 87 -16.79 4.23 24.50
C ALA C 87 -17.80 5.13 25.23
N ASP C 88 -17.55 5.49 26.51
CA ASP C 88 -18.45 6.34 27.30
C ASP C 88 -17.82 7.74 27.37
N PRO C 89 -18.29 8.70 26.56
CA PRO C 89 -17.68 10.04 26.58
C PRO C 89 -17.65 10.78 27.91
N GLN C 90 -18.74 10.71 28.68
CA GLN C 90 -18.83 11.39 29.96
C GLN C 90 -17.84 10.78 30.97
N ALA C 91 -17.77 9.44 31.02
CA ALA C 91 -16.84 8.78 31.93
C ALA C 91 -15.40 9.08 31.54
N MET C 92 -15.09 9.14 30.24
CA MET C 92 -13.72 9.45 29.81
C MET C 92 -13.31 10.89 30.12
N GLU C 93 -14.23 11.87 30.02
CA GLU C 93 -13.86 13.25 30.37
C GLU C 93 -13.53 13.35 31.88
N SER C 94 -14.34 12.70 32.73
CA SER C 94 -14.09 12.67 34.18
C SER C 94 -12.76 11.95 34.48
N LEU C 95 -12.54 10.84 33.80
CA LEU C 95 -11.34 10.01 33.95
C LEU C 95 -10.09 10.84 33.65
N VAL C 96 -10.09 11.60 32.55
CA VAL C 96 -8.96 12.40 32.13
C VAL C 96 -8.68 13.52 33.14
N HIS C 97 -9.74 14.13 33.71
CA HIS C 97 -9.55 15.15 34.74
C HIS C 97 -8.86 14.54 35.98
N ARG C 98 -9.37 13.38 36.44
CA ARG C 98 -8.80 12.66 37.59
C ARG C 98 -7.34 12.24 37.33
N ALA C 99 -7.04 11.68 36.15
CA ALA C 99 -5.69 11.21 35.81
C ALA C 99 -4.65 12.33 35.79
N GLN C 100 -5.04 13.51 35.31
CA GLN C 100 -4.11 14.63 35.25
C GLN C 100 -3.87 15.28 36.63
N GLU C 101 -4.63 14.91 37.68
CA GLU C 101 -4.44 15.45 39.01
C GLU C 101 -3.08 15.00 39.56
N ARG C 102 -2.75 13.72 39.42
CA ARG C 102 -1.50 13.20 39.94
C ARG C 102 -0.30 13.43 39.04
N PHE C 103 -0.44 13.13 37.74
CA PHE C 103 0.69 13.13 36.84
C PHE C 103 0.71 14.24 35.80
N GLY C 104 -0.25 15.17 35.87
CA GLY C 104 -0.25 16.31 34.96
C GLY C 104 -0.73 15.96 33.55
N PRO C 105 -0.53 16.86 32.58
CA PRO C 105 -0.96 16.55 31.21
C PRO C 105 -0.32 15.29 30.64
N VAL C 106 -1.08 14.58 29.83
CA VAL C 106 -0.60 13.37 29.19
C VAL C 106 0.32 13.73 28.02
N ALA C 107 1.55 13.18 28.01
CA ALA C 107 2.53 13.38 26.94
C ALA C 107 2.45 12.25 25.91
N ILE C 108 2.16 11.02 26.35
CA ILE C 108 2.10 9.86 25.48
C ILE C 108 0.72 9.22 25.63
N LEU C 109 -0.01 9.08 24.54
CA LEU C 109 -1.30 8.44 24.56
C LEU C 109 -1.24 7.19 23.73
N VAL C 110 -1.62 6.07 24.32
CA VAL C 110 -1.71 4.82 23.58
C VAL C 110 -3.18 4.38 23.57
N ASN C 111 -3.83 4.44 22.40
CA ASN C 111 -5.21 3.98 22.25
C ASN C 111 -5.16 2.50 21.92
N ASN C 112 -5.34 1.65 22.93
CA ASN C 112 -5.22 0.22 22.76
C ASN C 112 -6.54 -0.53 22.89
N ALA C 113 -7.49 -0.07 23.72
CA ALA C 113 -8.76 -0.78 23.89
C ALA C 113 -9.47 -0.98 22.53
N GLY C 114 -9.90 -2.21 22.29
CA GLY C 114 -10.57 -2.56 21.04
C GLY C 114 -11.81 -3.40 21.26
N PHE C 115 -12.46 -3.75 20.16
CA PHE C 115 -13.64 -4.59 20.18
C PHE C 115 -13.74 -5.35 18.87
N VAL C 116 -13.95 -6.64 18.94
CA VAL C 116 -14.20 -7.46 17.75
C VAL C 116 -15.21 -8.55 18.07
N LEU C 117 -16.13 -8.78 17.14
CA LEU C 117 -17.03 -9.91 17.18
C LEU C 117 -17.21 -10.37 15.76
N THR C 118 -16.56 -11.48 15.41
CA THR C 118 -16.64 -11.98 14.05
C THR C 118 -18.01 -12.60 13.78
N ALA C 119 -18.54 -12.39 12.59
CA ALA C 119 -19.84 -12.91 12.17
C ALA C 119 -20.06 -12.62 10.70
N PRO C 120 -20.94 -13.35 10.00
CA PRO C 120 -21.26 -12.96 8.62
C PRO C 120 -21.86 -11.57 8.58
N PHE C 121 -21.51 -10.79 7.55
CA PHE C 121 -21.97 -9.41 7.38
C PHE C 121 -23.49 -9.21 7.62
N LEU C 122 -24.34 -10.11 7.09
CA LEU C 122 -25.79 -9.95 7.29
C LEU C 122 -26.25 -10.13 8.74
N GLU C 123 -25.40 -10.69 9.61
CA GLU C 123 -25.70 -10.83 11.04
C GLU C 123 -25.23 -9.62 11.87
N ILE C 124 -24.67 -8.57 11.24
CA ILE C 124 -24.22 -7.40 11.96
C ILE C 124 -25.37 -6.39 12.04
N ASN C 125 -26.06 -6.36 13.18
CA ASN C 125 -27.13 -5.36 13.37
C ASN C 125 -26.51 -3.98 13.69
N GLU C 126 -27.35 -2.93 13.73
CA GLU C 126 -26.90 -1.56 13.96
C GLU C 126 -26.05 -1.42 15.21
N GLU C 127 -26.52 -2.01 16.34
CA GLU C 127 -25.82 -1.93 17.62
C GLU C 127 -24.41 -2.53 17.54
N LEU C 128 -24.27 -3.68 16.89
CA LEU C 128 -22.98 -4.35 16.78
C LEU C 128 -22.04 -3.58 15.85
N TRP C 129 -22.57 -3.01 14.77
CA TRP C 129 -21.80 -2.16 13.85
C TRP C 129 -21.26 -0.93 14.65
N GLN C 130 -22.15 -0.26 15.38
CA GLN C 130 -21.78 0.91 16.16
C GLN C 130 -20.77 0.61 17.26
N ARG C 131 -20.86 -0.55 17.92
CA ARG C 131 -19.89 -0.90 18.96
C ARG C 131 -18.49 -1.04 18.34
N HIS C 132 -18.39 -1.65 17.13
CA HIS C 132 -17.07 -1.74 16.47
C HIS C 132 -16.53 -0.35 16.14
N ILE C 133 -17.36 0.53 15.58
CA ILE C 133 -16.93 1.88 15.20
C ILE C 133 -16.57 2.70 16.47
N GLU C 134 -17.41 2.68 17.47
CA GLU C 134 -17.20 3.49 18.67
C GLU C 134 -16.00 3.08 19.54
N VAL C 135 -15.78 1.78 19.77
CA VAL C 135 -14.68 1.33 20.61
C VAL C 135 -13.34 1.48 19.87
N ASN C 136 -13.27 1.01 18.61
CA ASN C 136 -12.01 1.04 17.87
C ASN C 136 -11.65 2.35 17.23
N LEU C 137 -12.62 3.24 16.96
CA LEU C 137 -12.32 4.48 16.23
C LEU C 137 -12.82 5.72 16.95
N GLY C 138 -14.11 5.77 17.26
CA GLY C 138 -14.70 6.92 17.92
C GLY C 138 -14.03 7.26 19.24
N ALA C 139 -13.71 6.24 20.03
CA ALA C 139 -13.05 6.40 21.32
C ALA C 139 -11.67 7.04 21.18
N ALA C 140 -10.89 6.61 20.14
CA ALA C 140 -9.58 7.18 19.88
C ALA C 140 -9.72 8.66 19.48
N TYR C 141 -10.67 8.99 18.57
CA TYR C 141 -10.94 10.39 18.22
C TYR C 141 -11.24 11.26 19.48
N ARG C 142 -12.12 10.77 20.35
CA ARG C 142 -12.53 11.57 21.50
C ARG C 142 -11.42 11.77 22.51
N LEU C 143 -10.65 10.73 22.77
CA LEU C 143 -9.57 10.82 23.74
C LEU C 143 -8.42 11.68 23.23
N ILE C 144 -8.12 11.60 21.94
CA ILE C 144 -7.13 12.48 21.32
C ILE C 144 -7.64 13.94 21.42
N ARG C 145 -8.93 14.18 21.12
CA ARG C 145 -9.48 15.54 21.24
C ARG C 145 -9.35 16.08 22.67
N LEU C 146 -9.55 15.24 23.70
CA LEU C 146 -9.42 15.66 25.09
C LEU C 146 -7.97 15.95 25.50
N LEU C 147 -7.01 15.17 25.00
CA LEU C 147 -5.59 15.27 25.41
C LEU C 147 -4.67 16.03 24.47
N LEU C 148 -5.07 16.27 23.23
CA LEU C 148 -4.24 17.04 22.30
C LEU C 148 -3.91 18.46 22.81
N PRO C 149 -4.84 19.26 23.41
CA PRO C 149 -4.44 20.59 23.89
C PRO C 149 -3.24 20.59 24.85
N GLY C 150 -3.20 19.64 25.78
CA GLY C 150 -2.08 19.48 26.71
C GLY C 150 -0.76 19.16 26.02
N MET C 151 -0.81 18.33 24.98
CA MET C 151 0.39 17.98 24.18
C MET C 151 0.87 19.18 23.40
N LEU C 152 -0.06 19.95 22.82
CA LEU C 152 0.30 21.15 22.09
C LEU C 152 0.94 22.19 23.02
N GLU C 153 0.41 22.33 24.25
CA GLU C 153 0.96 23.27 25.22
C GLU C 153 2.40 22.85 25.60
N MET C 154 2.64 21.55 25.84
CA MET C 154 3.99 21.06 26.18
C MET C 154 4.97 21.11 24.99
N GLY C 155 4.46 21.21 23.76
CA GLY C 155 5.30 21.23 22.58
C GLY C 155 5.89 19.88 22.18
N TRP C 156 5.41 18.78 22.80
CA TRP C 156 5.90 17.42 22.51
C TRP C 156 4.81 16.42 22.83
N GLY C 157 4.72 15.37 22.03
CA GLY C 157 3.75 14.33 22.29
C GLY C 157 3.89 13.14 21.40
N ARG C 158 3.26 12.06 21.81
CA ARG C 158 3.20 10.84 21.04
C ARG C 158 1.79 10.31 21.11
N ILE C 159 1.19 10.04 19.96
CA ILE C 159 -0.12 9.41 19.87
C ILE C 159 0.14 8.10 19.13
N ILE C 160 -0.18 6.99 19.79
CA ILE C 160 0.03 5.65 19.22
C ILE C 160 -1.29 4.91 19.26
N ASN C 161 -1.79 4.55 18.07
CA ASN C 161 -3.05 3.84 17.93
C ASN C 161 -2.82 2.38 17.64
N ILE C 162 -3.39 1.49 18.44
CA ILE C 162 -3.25 0.06 18.19
C ILE C 162 -4.36 -0.35 17.28
N SER C 163 -4.02 -0.54 16.01
CA SER C 163 -4.96 -0.95 15.01
C SER C 163 -4.91 -2.51 14.89
N SER C 164 -4.59 -3.06 13.73
CA SER C 164 -4.52 -4.48 13.48
C SER C 164 -4.06 -4.67 12.04
N THR C 165 -3.68 -5.89 11.67
CA THR C 165 -3.51 -6.24 10.26
C THR C 165 -4.89 -6.04 9.53
N ALA C 166 -6.04 -6.12 10.28
CA ALA C 166 -7.37 -5.81 9.79
C ALA C 166 -7.59 -4.31 9.47
N GLY C 167 -6.67 -3.44 9.86
CA GLY C 167 -6.62 -2.04 9.45
C GLY C 167 -5.90 -1.84 8.14
N LEU C 168 -5.20 -2.89 7.66
CA LEU C 168 -4.38 -2.86 6.46
C LEU C 168 -4.83 -3.76 5.35
N THR C 169 -5.61 -4.80 5.67
CA THR C 169 -6.16 -5.70 4.69
C THR C 169 -7.53 -6.20 5.19
N GLY C 170 -8.28 -6.85 4.34
CA GLY C 170 -9.56 -7.40 4.70
C GLY C 170 -9.45 -8.78 5.32
N TYR C 171 -10.47 -9.16 6.07
CA TYR C 171 -10.64 -10.51 6.59
C TYR C 171 -12.13 -10.84 6.44
N PRO C 172 -12.51 -12.00 5.87
CA PRO C 172 -13.94 -12.34 5.84
C PRO C 172 -14.48 -12.50 7.27
N TYR C 173 -15.76 -12.21 7.48
CA TYR C 173 -16.42 -12.32 8.78
C TYR C 173 -15.95 -11.28 9.81
N ALA C 174 -15.21 -10.25 9.37
CA ALA C 174 -14.76 -9.19 10.26
C ALA C 174 -14.96 -7.84 9.56
N VAL C 175 -16.07 -7.67 8.83
CA VAL C 175 -16.27 -6.45 8.05
C VAL C 175 -16.30 -5.19 8.96
N PRO C 176 -17.10 -5.12 10.06
CA PRO C 176 -17.07 -3.92 10.89
C PRO C 176 -15.72 -3.67 11.57
N TYR C 177 -15.03 -4.75 11.95
CA TYR C 177 -13.71 -4.64 12.57
C TYR C 177 -12.72 -4.05 11.58
N CYS C 178 -12.71 -4.56 10.35
CA CYS C 178 -11.85 -4.03 9.31
C CYS C 178 -12.17 -2.57 8.99
N ALA C 179 -13.46 -2.23 8.88
CA ALA C 179 -13.87 -0.83 8.64
C ALA C 179 -13.36 0.10 9.75
N ALA C 180 -13.53 -0.30 11.02
CA ALA C 180 -13.11 0.53 12.12
C ALA C 180 -11.60 0.64 12.24
N LYS C 181 -10.88 -0.47 12.07
CA LYS C 181 -9.43 -0.49 12.17
C LYS C 181 -8.77 0.25 11.00
N HIS C 182 -9.37 0.19 9.81
CA HIS C 182 -8.90 0.97 8.67
C HIS C 182 -9.18 2.46 8.96
N GLY C 183 -10.34 2.78 9.54
CA GLY C 183 -10.67 4.16 9.88
C GLY C 183 -9.67 4.75 10.87
N LEU C 184 -9.17 3.92 11.79
CA LEU C 184 -8.15 4.32 12.75
C LEU C 184 -6.81 4.64 12.03
N ILE C 185 -6.49 3.90 10.96
CA ILE C 185 -5.32 4.23 10.15
C ILE C 185 -5.51 5.60 9.46
N GLY C 186 -6.70 5.85 8.94
CA GLY C 186 -7.01 7.14 8.33
C GLY C 186 -6.88 8.30 9.28
N LEU C 187 -7.41 8.12 10.50
CA LEU C 187 -7.27 9.16 11.55
C LEU C 187 -5.78 9.41 11.85
N THR C 188 -5.01 8.30 11.96
CA THR C 188 -3.58 8.35 12.23
C THR C 188 -2.84 9.16 11.15
N ARG C 189 -3.06 8.83 9.89
CA ARG C 189 -2.38 9.50 8.79
C ARG C 189 -2.70 10.99 8.70
N ALA C 190 -3.99 11.34 8.76
CA ALA C 190 -4.40 12.72 8.63
C ALA C 190 -3.88 13.56 9.81
N LEU C 191 -3.96 13.03 11.02
CA LEU C 191 -3.50 13.74 12.20
C LEU C 191 -1.98 13.87 12.25
N ALA C 192 -1.25 12.88 11.74
CA ALA C 192 0.21 12.95 11.62
C ALA C 192 0.62 14.15 10.76
N LEU C 193 -0.12 14.41 9.66
CA LEU C 193 0.19 15.53 8.79
C LEU C 193 -0.20 16.85 9.43
N GLU C 194 -1.36 16.88 10.08
CA GLU C 194 -1.84 18.10 10.71
C GLU C 194 -0.95 18.55 11.87
N LEU C 195 -0.39 17.59 12.62
CA LEU C 195 0.49 17.86 13.77
C LEU C 195 1.98 17.77 13.48
N ALA C 196 2.38 17.57 12.22
CA ALA C 196 3.76 17.31 11.84
C ALA C 196 4.76 18.34 12.37
N GLN C 197 4.40 19.61 12.35
CA GLN C 197 5.28 20.69 12.81
C GLN C 197 4.90 21.19 14.22
N ARG C 198 4.16 20.39 15.01
CA ARG C 198 3.76 20.75 16.37
C ARG C 198 4.45 19.91 17.45
N GLY C 199 5.48 19.16 17.10
CA GLY C 199 6.23 18.36 18.05
C GLY C 199 5.59 17.05 18.45
N ILE C 200 4.55 16.61 17.74
CA ILE C 200 3.81 15.40 18.06
C ILE C 200 3.85 14.48 16.86
N THR C 201 4.11 13.18 17.09
CA THR C 201 3.98 12.19 16.03
C THR C 201 2.72 11.35 16.33
N VAL C 202 2.12 10.82 15.26
CA VAL C 202 0.93 10.00 15.33
C VAL C 202 1.21 8.77 14.47
N ASN C 203 1.20 7.61 15.06
CA ASN C 203 1.49 6.35 14.38
C ASN C 203 0.53 5.26 14.82
N ALA C 204 0.48 4.17 14.05
CA ALA C 204 -0.36 3.01 14.35
C ALA C 204 0.49 1.77 14.37
N ILE C 205 0.23 0.90 15.33
CA ILE C 205 0.85 -0.42 15.40
C ILE C 205 -0.26 -1.40 15.03
N CYS C 206 0.04 -2.30 14.09
CA CYS C 206 -0.88 -3.25 13.50
C CYS C 206 -0.50 -4.69 13.79
N PRO C 207 -0.88 -5.22 14.96
CA PRO C 207 -0.56 -6.61 15.26
C PRO C 207 -1.36 -7.59 14.41
N GLY C 208 -0.74 -8.73 14.12
CA GLY C 208 -1.44 -9.88 13.59
C GLY C 208 -1.97 -10.62 14.80
N PHE C 209 -2.39 -11.88 14.63
CA PHE C 209 -2.89 -12.67 15.75
C PHE C 209 -1.84 -12.77 16.90
N THR C 210 -2.22 -12.30 18.10
CA THR C 210 -1.36 -12.17 19.26
C THR C 210 -1.93 -13.00 20.39
N ASP C 211 -1.05 -13.65 21.14
CA ASP C 211 -1.46 -14.55 22.20
C ASP C 211 -2.00 -13.82 23.45
N THR C 212 -3.31 -13.53 23.47
CA THR C 212 -4.01 -12.80 24.54
C THR C 212 -5.31 -13.53 24.92
N ASP C 213 -5.99 -13.10 26.01
CA ASP C 213 -7.29 -13.62 26.40
C ASP C 213 -8.31 -13.36 25.28
N LEU C 214 -8.24 -12.20 24.61
CA LEU C 214 -9.14 -11.87 23.50
C LEU C 214 -9.00 -12.90 22.38
N LEU C 215 -7.76 -13.25 21.98
CA LEU C 215 -7.58 -14.22 20.91
C LEU C 215 -8.12 -15.59 21.33
N GLN C 216 -7.84 -16.03 22.57
CA GLN C 216 -8.36 -17.31 23.04
C GLN C 216 -9.91 -17.34 23.01
N ALA C 217 -10.56 -16.23 23.38
CA ALA C 217 -12.03 -16.14 23.33
C ALA C 217 -12.53 -16.19 21.88
N SER C 218 -11.81 -15.55 20.97
CA SER C 218 -12.14 -15.56 19.54
C SER C 218 -11.96 -16.95 18.94
N VAL C 219 -10.94 -17.70 19.39
CA VAL C 219 -10.66 -19.08 18.96
C VAL C 219 -11.89 -19.94 19.31
N LEU C 220 -12.36 -19.86 20.57
CA LEU C 220 -13.52 -20.64 21.00
C LEU C 220 -14.80 -20.25 20.24
N ARG C 221 -15.01 -18.96 20.01
CA ARG C 221 -16.18 -18.49 19.25
C ARG C 221 -16.16 -19.01 17.82
N VAL C 222 -15.02 -18.90 17.12
CA VAL C 222 -14.90 -19.36 15.74
C VAL C 222 -15.04 -20.90 15.68
N ALA C 223 -14.48 -21.62 16.65
CA ALA C 223 -14.58 -23.07 16.69
C ALA C 223 -16.05 -23.51 16.87
N GLN C 224 -16.78 -22.84 17.77
CA GLN C 224 -18.18 -23.14 18.02
C GLN C 224 -19.04 -22.82 16.79
N ARG C 225 -18.75 -21.71 16.12
CA ARG C 225 -19.51 -21.29 14.94
C ARG C 225 -19.16 -22.07 13.67
N THR C 226 -17.99 -22.74 13.60
CA THR C 226 -17.57 -23.52 12.42
C THR C 226 -17.50 -25.04 12.67
N ALA C 227 -18.00 -25.52 13.84
CA ALA C 227 -17.97 -26.93 14.21
C ALA C 227 -16.58 -27.57 14.12
N ARG C 228 -15.57 -26.85 14.63
CA ARG C 228 -14.18 -27.29 14.64
C ARG C 228 -13.67 -27.33 16.08
N ALA C 229 -12.62 -28.10 16.33
CA ALA C 229 -12.04 -28.20 17.66
C ALA C 229 -11.28 -26.89 17.96
N PRO C 230 -11.37 -26.30 19.17
CA PRO C 230 -10.57 -25.08 19.44
C PRO C 230 -9.08 -25.17 19.07
N GLU C 231 -8.43 -26.30 19.38
CA GLU C 231 -7.03 -26.49 19.06
C GLU C 231 -6.75 -26.40 17.55
N ALA C 232 -7.65 -26.90 16.69
CA ALA C 232 -7.50 -26.81 15.24
C ALA C 232 -7.60 -25.36 14.79
N VAL C 233 -8.53 -24.58 15.35
CA VAL C 233 -8.72 -23.17 15.00
C VAL C 233 -7.48 -22.38 15.43
N LEU C 234 -6.89 -22.69 16.61
CA LEU C 234 -5.68 -22.03 17.08
C LEU C 234 -4.52 -22.24 16.09
N GLU C 235 -4.35 -23.48 15.63
CA GLU C 235 -3.31 -23.82 14.65
C GLU C 235 -3.54 -23.06 13.33
N LEU C 236 -4.81 -22.91 12.90
CA LEU C 236 -5.14 -22.16 11.68
C LEU C 236 -4.76 -20.69 11.84
N PHE C 237 -5.02 -20.09 13.02
CA PHE C 237 -4.64 -18.71 13.30
C PHE C 237 -3.12 -18.54 13.22
N ALA C 238 -2.34 -19.47 13.80
CA ALA C 238 -0.88 -19.40 13.73
C ALA C 238 -0.35 -19.62 12.31
N ARG C 239 -1.06 -20.38 11.48
CA ARG C 239 -0.69 -20.63 10.06
C ARG C 239 -0.76 -19.35 9.20
N ARG C 240 -1.57 -18.32 9.58
CA ARG C 240 -1.59 -17.04 8.85
C ARG C 240 -0.25 -16.28 9.01
N ASN C 241 0.47 -16.53 10.11
CA ASN C 241 1.73 -15.87 10.36
C ASN C 241 2.82 -16.69 9.66
N PRO C 242 3.55 -16.14 8.67
CA PRO C 242 4.61 -16.94 8.01
C PRO C 242 5.61 -17.58 8.98
N GLN C 243 5.81 -16.99 10.17
CA GLN C 243 6.72 -17.53 11.18
C GLN C 243 6.18 -18.79 11.90
N GLY C 244 4.91 -19.14 11.69
CA GLY C 244 4.34 -20.36 12.25
C GLY C 244 4.01 -20.29 13.74
N ARG C 245 3.84 -19.09 14.28
CA ARG C 245 3.56 -18.88 15.68
C ARG C 245 2.74 -17.62 15.87
N LEU C 246 2.10 -17.48 17.03
CA LEU C 246 1.39 -16.27 17.36
C LEU C 246 2.38 -15.20 17.80
N VAL C 247 2.01 -13.95 17.57
CA VAL C 247 2.81 -12.82 18.01
C VAL C 247 2.67 -12.77 19.56
N ARG C 248 3.73 -12.39 20.25
CA ARG C 248 3.69 -12.24 21.71
C ARG C 248 3.33 -10.79 22.07
N PRO C 249 2.52 -10.54 23.11
CA PRO C 249 2.24 -9.14 23.51
C PRO C 249 3.48 -8.26 23.68
N GLU C 250 4.61 -8.82 24.19
CA GLU C 250 5.84 -8.01 24.34
C GLU C 250 6.43 -7.53 23.02
N GLU C 251 6.20 -8.26 21.93
CA GLU C 251 6.69 -7.84 20.61
C GLU C 251 5.92 -6.61 20.12
N VAL C 252 4.62 -6.55 20.40
CA VAL C 252 3.82 -5.38 20.05
C VAL C 252 4.28 -4.19 20.92
N ALA C 253 4.50 -4.45 22.23
CA ALA C 253 4.98 -3.44 23.16
C ALA C 253 6.33 -2.86 22.76
N TRP C 254 7.24 -3.70 22.22
CA TRP C 254 8.57 -3.27 21.81
C TRP C 254 8.47 -2.18 20.71
N ALA C 255 7.54 -2.35 19.76
CA ALA C 255 7.34 -1.37 18.70
C ALA C 255 6.80 -0.05 19.28
N VAL C 256 5.93 -0.13 20.28
CA VAL C 256 5.36 1.06 20.91
C VAL C 256 6.42 1.90 21.61
N VAL C 257 7.26 1.29 22.45
CA VAL C 257 8.28 2.02 23.20
C VAL C 257 9.31 2.67 22.26
N TRP C 258 9.68 1.98 21.18
CA TRP C 258 10.60 2.52 20.15
C TRP C 258 10.07 3.87 19.61
N LEU C 259 8.79 3.94 19.32
CA LEU C 259 8.17 5.18 18.81
C LEU C 259 8.22 6.37 19.77
N CYS C 260 8.29 6.10 21.09
CA CYS C 260 8.32 7.18 22.09
C CYS C 260 9.65 7.88 22.24
N SER C 261 10.72 7.33 21.69
CA SER C 261 12.02 7.98 21.74
C SER C 261 12.01 9.27 20.94
N GLU C 262 12.89 10.21 21.32
CA GLU C 262 13.10 11.43 20.56
C GLU C 262 13.77 11.11 19.21
N LYS C 263 14.54 10.00 19.12
CA LYS C 263 15.14 9.58 17.88
C LYS C 263 14.15 8.99 16.87
N ALA C 264 12.88 8.73 17.28
CA ALA C 264 11.80 8.25 16.41
C ALA C 264 10.89 9.43 15.97
N ALA C 265 11.32 10.69 16.14
CA ALA C 265 10.56 11.85 15.69
C ALA C 265 10.26 11.78 14.19
N ALA C 266 11.18 11.22 13.37
CA ALA C 266 10.94 11.11 11.93
C ALA C 266 9.93 10.01 11.55
N ILE C 267 9.54 9.15 12.52
CA ILE C 267 8.53 8.12 12.30
C ILE C 267 7.19 8.77 12.60
N ASN C 268 6.46 9.12 11.56
CA ASN C 268 5.20 9.83 11.69
C ASN C 268 4.25 9.43 10.59
N GLY C 269 3.01 9.16 10.96
CA GLY C 269 1.98 8.73 10.03
C GLY C 269 2.16 7.31 9.55
N GLN C 270 2.92 6.48 10.28
CA GLN C 270 3.22 5.13 9.85
C GLN C 270 2.32 4.10 10.44
N ALA C 271 2.21 2.97 9.73
CA ALA C 271 1.50 1.79 10.20
C ALA C 271 2.56 0.70 10.28
N ILE C 272 2.91 0.27 11.49
CA ILE C 272 3.93 -0.74 11.72
C ILE C 272 3.24 -2.11 11.90
N ALA C 273 3.36 -3.03 10.93
CA ALA C 273 2.77 -4.36 11.06
C ALA C 273 3.67 -5.25 11.90
N VAL C 274 3.09 -5.89 12.93
CA VAL C 274 3.79 -6.80 13.85
C VAL C 274 3.09 -8.14 13.66
N ALA C 275 3.41 -8.81 12.55
CA ALA C 275 2.69 -10.02 12.16
C ALA C 275 3.53 -11.02 11.42
N GLY C 276 4.86 -10.99 11.62
CA GLY C 276 5.77 -12.00 11.04
C GLY C 276 5.88 -12.08 9.54
N GLY C 277 5.29 -11.12 8.84
CA GLY C 277 5.26 -11.08 7.38
C GLY C 277 3.89 -11.32 6.77
N GLU C 278 2.83 -11.53 7.61
CA GLU C 278 1.47 -11.75 7.10
C GLU C 278 1.03 -10.59 6.20
N VAL C 279 1.31 -9.35 6.63
CA VAL C 279 1.09 -8.12 5.83
C VAL C 279 2.45 -7.46 5.72
N MET C 280 2.87 -7.08 4.52
CA MET C 280 4.16 -6.42 4.32
C MET C 280 3.88 -5.04 3.79
N VAL C 281 3.97 -4.06 4.68
CA VAL C 281 3.60 -2.68 4.36
C VAL C 281 4.58 -2.02 3.42
N GLY C 282 4.07 -1.07 2.66
CA GLY C 282 4.86 -0.23 1.78
C GLY C 282 4.03 0.96 1.29
N MET D 22 -24.33 -12.31 -31.22
CA MET D 22 -23.26 -12.59 -30.26
C MET D 22 -22.49 -11.35 -29.81
N ASP D 23 -22.69 -10.19 -30.48
CA ASP D 23 -21.99 -8.95 -30.14
C ASP D 23 -22.56 -8.19 -28.90
N PRO D 24 -23.90 -8.12 -28.64
CA PRO D 24 -24.37 -7.32 -27.48
C PRO D 24 -24.06 -7.93 -26.11
N LYS D 25 -23.06 -7.34 -25.41
CA LYS D 25 -22.66 -7.71 -24.05
C LYS D 25 -22.67 -6.41 -23.23
N SER D 26 -23.87 -6.03 -22.75
CA SER D 26 -24.12 -4.79 -22.02
C SER D 26 -24.71 -5.05 -20.59
N LEU D 27 -25.23 -4.01 -19.89
CA LEU D 27 -25.87 -4.16 -18.58
C LEU D 27 -27.39 -4.17 -18.70
N VAL D 28 -27.97 -4.47 -19.89
CA VAL D 28 -29.43 -4.52 -20.06
C VAL D 28 -29.98 -5.64 -19.16
N GLY D 29 -31.04 -5.33 -18.45
CA GLY D 29 -31.66 -6.26 -17.51
C GLY D 29 -31.04 -6.23 -16.12
N LYS D 30 -30.14 -5.24 -15.83
CA LYS D 30 -29.54 -5.11 -14.50
C LYS D 30 -30.07 -3.84 -13.86
N HIS D 31 -30.56 -3.94 -12.64
CA HIS D 31 -31.01 -2.79 -11.89
C HIS D 31 -29.80 -2.23 -11.10
N ALA D 32 -29.46 -0.97 -11.36
CA ALA D 32 -28.41 -0.26 -10.64
C ALA D 32 -29.01 0.85 -9.81
N LEU D 33 -28.51 1.02 -8.58
CA LEU D 33 -28.90 2.10 -7.67
C LEU D 33 -27.65 2.94 -7.38
N VAL D 34 -27.75 4.24 -7.64
CA VAL D 34 -26.64 5.18 -7.45
C VAL D 34 -27.06 6.23 -6.42
N THR D 35 -26.29 6.36 -5.33
CA THR D 35 -26.58 7.39 -4.34
C THR D 35 -25.81 8.64 -4.70
N GLY D 36 -26.39 9.78 -4.38
CA GLY D 36 -25.80 11.08 -4.69
C GLY D 36 -25.66 11.27 -6.18
N ALA D 37 -26.74 10.99 -6.92
CA ALA D 37 -26.71 10.87 -8.36
C ALA D 37 -27.23 12.05 -9.20
N SER D 38 -27.61 13.17 -8.59
CA SER D 38 -28.18 14.29 -9.35
C SER D 38 -27.12 15.23 -9.94
N ARG D 39 -25.93 15.32 -9.32
CA ARG D 39 -24.86 16.19 -9.82
C ARG D 39 -23.48 15.54 -9.64
N GLY D 40 -22.47 16.11 -10.31
CA GLY D 40 -21.08 15.72 -10.19
C GLY D 40 -20.76 14.30 -10.63
N ILE D 41 -19.90 13.64 -9.85
CA ILE D 41 -19.46 12.27 -10.11
C ILE D 41 -20.66 11.30 -10.21
N GLY D 42 -21.59 11.40 -9.27
CA GLY D 42 -22.78 10.54 -9.26
C GLY D 42 -23.60 10.64 -10.53
N ALA D 43 -23.75 11.85 -11.06
CA ALA D 43 -24.49 12.09 -12.30
C ALA D 43 -23.78 11.49 -13.50
N ALA D 44 -22.43 11.62 -13.55
CA ALA D 44 -21.64 11.01 -14.61
C ALA D 44 -21.69 9.46 -14.52
N ILE D 45 -21.71 8.92 -13.31
CA ILE D 45 -21.80 7.46 -13.11
C ILE D 45 -23.17 7.01 -13.63
N ALA D 46 -24.24 7.71 -13.25
CA ALA D 46 -25.59 7.40 -13.71
C ALA D 46 -25.69 7.45 -15.22
N GLU D 47 -25.08 8.45 -15.87
CA GLU D 47 -25.10 8.57 -17.32
C GLU D 47 -24.41 7.40 -18.01
N ALA D 48 -23.24 6.99 -17.52
CA ALA D 48 -22.51 5.86 -18.07
C ALA D 48 -23.30 4.56 -17.89
N LEU D 49 -23.92 4.35 -16.73
CA LEU D 49 -24.73 3.17 -16.50
C LEU D 49 -26.00 3.16 -17.37
N ALA D 50 -26.61 4.34 -17.57
CA ALA D 50 -27.79 4.45 -18.42
C ALA D 50 -27.43 4.10 -19.86
N GLN D 51 -26.29 4.59 -20.36
CA GLN D 51 -25.84 4.27 -21.73
C GLN D 51 -25.51 2.79 -21.88
N ALA D 52 -25.06 2.13 -20.81
CA ALA D 52 -24.81 0.70 -20.82
C ALA D 52 -26.08 -0.16 -20.74
N GLY D 53 -27.25 0.42 -20.49
CA GLY D 53 -28.52 -0.30 -20.46
C GLY D 53 -29.04 -0.71 -19.10
N ALA D 54 -28.38 -0.28 -18.01
CA ALA D 54 -28.89 -0.62 -16.67
C ALA D 54 -30.18 0.16 -16.39
N ARG D 55 -31.14 -0.44 -15.69
CA ARG D 55 -32.34 0.26 -15.19
C ARG D 55 -31.85 1.00 -13.94
N LEU D 56 -32.15 2.28 -13.78
CA LEU D 56 -31.59 3.08 -12.70
C LEU D 56 -32.52 3.61 -11.64
N THR D 57 -32.09 3.52 -10.38
CA THR D 57 -32.74 4.19 -9.26
C THR D 57 -31.70 5.22 -8.82
N LEU D 58 -32.05 6.51 -8.92
CA LEU D 58 -31.17 7.62 -8.56
C LEU D 58 -31.65 8.25 -7.29
N VAL D 59 -30.73 8.48 -6.33
CA VAL D 59 -31.07 9.04 -5.03
C VAL D 59 -30.29 10.34 -4.80
N ALA D 60 -31.00 11.37 -4.35
CA ALA D 60 -30.40 12.66 -3.94
C ALA D 60 -31.44 13.41 -3.07
N ARG D 61 -31.01 14.42 -2.30
CA ARG D 61 -31.93 15.14 -1.40
C ARG D 61 -32.77 16.20 -2.10
N LYS D 62 -32.21 16.94 -3.06
CA LYS D 62 -32.94 18.02 -3.72
C LYS D 62 -33.68 17.53 -4.98
N LEU D 63 -34.99 17.74 -5.01
CA LEU D 63 -35.84 17.31 -6.13
C LEU D 63 -35.50 17.93 -7.47
N GLN D 64 -35.26 19.23 -7.50
CA GLN D 64 -35.01 19.99 -8.74
C GLN D 64 -33.91 19.36 -9.66
N ASP D 65 -32.72 19.16 -9.08
CA ASP D 65 -31.60 18.60 -9.82
C ASP D 65 -31.86 17.13 -10.15
N LEU D 66 -32.49 16.38 -9.22
CA LEU D 66 -32.78 14.97 -9.42
C LEU D 66 -33.75 14.74 -10.57
N GLU D 67 -34.85 15.50 -10.62
CA GLU D 67 -35.83 15.37 -11.70
C GLU D 67 -35.22 15.65 -13.05
N GLU D 68 -34.40 16.70 -13.17
CA GLU D 68 -33.73 17.02 -14.44
C GLU D 68 -32.82 15.84 -14.87
N ARG D 69 -32.08 15.25 -13.91
CA ARG D 69 -31.18 14.14 -14.22
C ARG D 69 -31.96 12.91 -14.70
N VAL D 70 -33.05 12.57 -14.00
CA VAL D 70 -33.91 11.43 -14.36
C VAL D 70 -34.47 11.61 -15.79
N GLU D 71 -35.03 12.80 -16.08
CA GLU D 71 -35.61 13.10 -17.39
C GLU D 71 -34.55 12.98 -18.51
N ARG D 72 -33.36 13.53 -18.28
CA ARG D 72 -32.26 13.44 -19.25
C ARG D 72 -31.90 11.97 -19.54
N LEU D 73 -31.75 11.15 -18.51
CA LEU D 73 -31.32 9.77 -18.69
C LEU D 73 -32.40 8.83 -19.22
N ARG D 74 -33.68 9.22 -19.18
CA ARG D 74 -34.74 8.41 -19.79
C ARG D 74 -34.62 8.26 -21.31
N ALA D 75 -33.78 9.07 -21.96
CA ALA D 75 -33.50 8.90 -23.38
C ALA D 75 -32.73 7.58 -23.64
N TRP D 76 -31.99 7.05 -22.63
CA TRP D 76 -31.20 5.84 -22.78
C TRP D 76 -31.73 4.59 -22.06
N THR D 77 -32.52 4.73 -20.98
CA THR D 77 -32.96 3.56 -20.20
C THR D 77 -34.20 3.90 -19.34
N GLU D 78 -34.72 2.92 -18.56
CA GLU D 78 -35.78 3.18 -17.60
C GLU D 78 -35.10 3.77 -16.35
N VAL D 79 -35.59 4.90 -15.87
CA VAL D 79 -34.98 5.60 -14.74
C VAL D 79 -36.06 6.03 -13.77
N GLN D 80 -35.76 5.94 -12.49
CA GLN D 80 -36.63 6.44 -11.44
C GLN D 80 -35.78 7.17 -10.42
N GLY D 81 -36.34 8.24 -9.89
CA GLY D 81 -35.66 9.06 -8.91
C GLY D 81 -36.38 8.96 -7.59
N GLU D 82 -35.62 8.98 -6.51
CA GLU D 82 -36.15 8.89 -5.17
C GLU D 82 -35.43 9.95 -4.33
N VAL D 83 -36.20 10.90 -3.78
CA VAL D 83 -35.66 11.95 -2.92
C VAL D 83 -35.36 11.29 -1.57
N GLY D 84 -34.12 11.48 -1.08
CA GLY D 84 -33.74 10.89 0.18
C GLY D 84 -32.34 11.24 0.65
N ASP D 85 -32.15 11.18 1.96
CA ASP D 85 -30.88 11.43 2.62
C ASP D 85 -30.31 10.06 3.00
N VAL D 86 -29.11 9.71 2.51
CA VAL D 86 -28.49 8.39 2.79
C VAL D 86 -28.24 8.16 4.28
N ALA D 87 -28.09 9.24 5.06
CA ALA D 87 -27.87 9.13 6.50
C ALA D 87 -29.18 8.92 7.28
N ASP D 88 -30.35 8.87 6.63
CA ASP D 88 -31.65 8.64 7.29
C ASP D 88 -32.03 7.16 7.06
N PRO D 89 -31.78 6.24 8.03
CA PRO D 89 -32.10 4.82 7.80
C PRO D 89 -33.53 4.49 7.41
N GLN D 90 -34.52 5.13 8.05
CA GLN D 90 -35.93 4.86 7.77
C GLN D 90 -36.29 5.30 6.36
N ALA D 91 -35.86 6.49 5.94
CA ALA D 91 -36.16 6.97 4.59
C ALA D 91 -35.50 6.06 3.55
N MET D 92 -34.26 5.60 3.81
CA MET D 92 -33.56 4.72 2.88
C MET D 92 -34.22 3.33 2.77
N GLU D 93 -34.70 2.75 3.88
CA GLU D 93 -35.37 1.45 3.82
C GLU D 93 -36.64 1.55 2.96
N SER D 94 -37.44 2.60 3.16
CA SER D 94 -38.66 2.82 2.39
C SER D 94 -38.31 3.05 0.91
N LEU D 95 -37.32 3.89 0.65
CA LEU D 95 -36.84 4.22 -0.70
C LEU D 95 -36.41 2.95 -1.46
N VAL D 96 -35.61 2.11 -0.82
CA VAL D 96 -35.10 0.87 -1.40
C VAL D 96 -36.24 -0.11 -1.65
N HIS D 97 -37.19 -0.21 -0.71
CA HIS D 97 -38.34 -1.09 -0.88
C HIS D 97 -39.16 -0.64 -2.08
N ARG D 98 -39.45 0.66 -2.23
CA ARG D 98 -40.22 1.21 -3.36
C ARG D 98 -39.48 0.96 -4.67
N ALA D 99 -38.16 1.22 -4.68
CA ALA D 99 -37.34 1.05 -5.87
C ALA D 99 -37.32 -0.39 -6.39
N GLN D 100 -37.21 -1.37 -5.49
CA GLN D 100 -37.18 -2.78 -5.90
C GLN D 100 -38.56 -3.32 -6.28
N GLU D 101 -39.65 -2.67 -5.84
CA GLU D 101 -40.99 -3.06 -6.27
C GLU D 101 -41.14 -2.79 -7.77
N ARG D 102 -40.57 -1.66 -8.27
CA ARG D 102 -40.67 -1.32 -9.69
C ARG D 102 -39.64 -2.03 -10.57
N PHE D 103 -38.35 -2.01 -10.20
CA PHE D 103 -37.29 -2.56 -11.04
C PHE D 103 -36.65 -3.86 -10.58
N GLY D 104 -37.15 -4.47 -9.51
CA GLY D 104 -36.62 -5.72 -9.03
C GLY D 104 -35.39 -5.58 -8.17
N PRO D 105 -34.75 -6.72 -7.81
CA PRO D 105 -33.57 -6.62 -6.95
C PRO D 105 -32.43 -5.82 -7.57
N VAL D 106 -31.70 -5.08 -6.75
CA VAL D 106 -30.59 -4.28 -7.21
C VAL D 106 -29.39 -5.22 -7.44
N ALA D 107 -28.85 -5.22 -8.66
CA ALA D 107 -27.67 -5.99 -9.02
C ALA D 107 -26.38 -5.15 -8.87
N ILE D 108 -26.47 -3.84 -9.08
CA ILE D 108 -25.31 -2.96 -9.02
C ILE D 108 -25.59 -1.83 -8.03
N LEU D 109 -24.78 -1.70 -6.99
CA LEU D 109 -24.92 -0.63 -6.03
C LEU D 109 -23.70 0.28 -6.10
N VAL D 110 -23.94 1.59 -6.26
CA VAL D 110 -22.85 2.56 -6.24
C VAL D 110 -23.07 3.49 -5.07
N ASN D 111 -22.23 3.37 -4.03
CA ASN D 111 -22.29 4.25 -2.88
C ASN D 111 -21.47 5.49 -3.20
N ASN D 112 -22.11 6.57 -3.61
CA ASN D 112 -21.40 7.78 -4.01
C ASN D 112 -21.63 8.98 -3.10
N ALA D 113 -22.77 9.10 -2.44
CA ALA D 113 -23.02 10.24 -1.55
C ALA D 113 -21.94 10.35 -0.45
N GLY D 114 -21.40 11.56 -0.28
CA GLY D 114 -20.33 11.82 0.66
C GLY D 114 -20.56 13.08 1.47
N PHE D 115 -19.62 13.34 2.39
CA PHE D 115 -19.67 14.51 3.26
C PHE D 115 -18.26 14.89 3.65
N VAL D 116 -17.89 16.15 3.50
CA VAL D 116 -16.58 16.65 3.94
C VAL D 116 -16.70 18.07 4.42
N LEU D 117 -16.12 18.37 5.58
CA LEU D 117 -16.04 19.73 6.08
C LEU D 117 -14.67 19.86 6.70
N THR D 118 -13.76 20.53 6.00
CA THR D 118 -12.39 20.66 6.44
C THR D 118 -12.30 21.69 7.55
N ALA D 119 -11.50 21.39 8.55
CA ALA D 119 -11.34 22.24 9.73
C ALA D 119 -10.20 21.71 10.60
N PRO D 120 -9.61 22.55 11.49
CA PRO D 120 -8.64 22.00 12.45
C PRO D 120 -9.30 20.94 13.31
N PHE D 121 -8.55 19.86 13.59
CA PHE D 121 -9.03 18.75 14.38
C PHE D 121 -9.75 19.17 15.69
N LEU D 122 -9.21 20.14 16.44
CA LEU D 122 -9.86 20.54 17.70
C LEU D 122 -11.21 21.22 17.50
N GLU D 123 -11.55 21.63 16.29
CA GLU D 123 -12.85 22.21 15.98
C GLU D 123 -13.88 21.14 15.55
N ILE D 124 -13.52 19.84 15.54
CA ILE D 124 -14.43 18.77 15.16
C ILE D 124 -15.14 18.28 16.42
N ASN D 125 -16.33 18.80 16.65
CA ASN D 125 -17.14 18.37 17.79
C ASN D 125 -17.85 17.03 17.44
N GLU D 126 -18.56 16.45 18.40
CA GLU D 126 -19.25 15.16 18.22
C GLU D 126 -20.15 15.11 16.99
N GLU D 127 -20.98 16.16 16.81
CA GLU D 127 -21.92 16.25 15.70
C GLU D 127 -21.20 16.17 14.35
N LEU D 128 -20.12 16.91 14.20
CA LEU D 128 -19.39 16.96 12.94
C LEU D 128 -18.62 15.67 12.68
N TRP D 129 -18.09 15.04 13.73
CA TRP D 129 -17.42 13.74 13.60
C TRP D 129 -18.45 12.69 13.13
N GLN D 130 -19.62 12.63 13.80
CA GLN D 130 -20.65 11.67 13.48
C GLN D 130 -21.19 11.85 12.06
N ARG D 131 -21.36 13.10 11.60
CA ARG D 131 -21.85 13.34 10.23
C ARG D 131 -20.87 12.77 9.21
N HIS D 132 -19.56 12.93 9.42
CA HIS D 132 -18.56 12.35 8.50
C HIS D 132 -18.65 10.83 8.49
N ILE D 133 -18.75 10.21 9.67
CA ILE D 133 -18.79 8.75 9.75
C ILE D 133 -20.08 8.22 9.15
N GLU D 134 -21.22 8.82 9.53
CA GLU D 134 -22.52 8.33 9.06
C GLU D 134 -22.75 8.48 7.54
N VAL D 135 -22.41 9.63 6.94
CA VAL D 135 -22.66 9.83 5.51
C VAL D 135 -21.68 8.99 4.65
N ASN D 136 -20.39 9.01 4.98
CA ASN D 136 -19.38 8.34 4.17
C ASN D 136 -19.22 6.85 4.41
N LEU D 137 -19.57 6.34 5.59
CA LEU D 137 -19.34 4.95 5.92
C LEU D 137 -20.60 4.23 6.40
N GLY D 138 -21.26 4.76 7.42
CA GLY D 138 -22.46 4.15 7.99
C GLY D 138 -23.54 3.91 6.97
N ALA D 139 -23.78 4.92 6.12
CA ALA D 139 -24.76 4.84 5.04
C ALA D 139 -24.46 3.72 4.07
N ALA D 140 -23.18 3.54 3.70
CA ALA D 140 -22.78 2.47 2.78
C ALA D 140 -23.02 1.11 3.45
N TYR D 141 -22.62 0.94 4.72
CA TYR D 141 -22.87 -0.30 5.47
C TYR D 141 -24.38 -0.67 5.45
N ARG D 142 -25.25 0.31 5.75
CA ARG D 142 -26.68 0.04 5.84
C ARG D 142 -27.29 -0.32 4.50
N LEU D 143 -26.91 0.40 3.45
CA LEU D 143 -27.43 0.15 2.11
C LEU D 143 -26.97 -1.18 1.57
N ILE D 144 -25.71 -1.53 1.80
CA ILE D 144 -25.18 -2.84 1.39
C ILE D 144 -25.95 -3.94 2.13
N ARG D 145 -26.18 -3.76 3.45
CA ARG D 145 -26.92 -4.76 4.22
C ARG D 145 -28.35 -4.96 3.65
N LEU D 146 -29.01 -3.87 3.22
CA LEU D 146 -30.35 -3.96 2.66
C LEU D 146 -30.38 -4.65 1.28
N LEU D 147 -29.39 -4.41 0.44
CA LEU D 147 -29.36 -4.92 -0.93
C LEU D 147 -28.56 -6.17 -1.16
N LEU D 148 -27.71 -6.58 -0.23
CA LEU D 148 -26.91 -7.78 -0.39
C LEU D 148 -27.76 -9.06 -0.50
N PRO D 149 -28.86 -9.27 0.27
CA PRO D 149 -29.66 -10.49 0.08
C PRO D 149 -30.12 -10.72 -1.35
N GLY D 150 -30.56 -9.67 -2.04
CA GLY D 150 -30.99 -9.76 -3.42
C GLY D 150 -29.88 -10.16 -4.36
N MET D 151 -28.66 -9.65 -4.12
CA MET D 151 -27.49 -10.00 -4.93
C MET D 151 -27.09 -11.44 -4.68
N LEU D 152 -27.13 -11.89 -3.42
CA LEU D 152 -26.83 -13.29 -3.10
C LEU D 152 -27.85 -14.24 -3.78
N GLU D 153 -29.13 -13.87 -3.78
CA GLU D 153 -30.18 -14.67 -4.43
C GLU D 153 -29.95 -14.75 -5.95
N MET D 154 -29.58 -13.63 -6.59
CA MET D 154 -29.32 -13.64 -8.04
C MET D 154 -28.01 -14.37 -8.40
N GLY D 155 -27.08 -14.53 -7.47
CA GLY D 155 -25.79 -15.12 -7.76
C GLY D 155 -24.84 -14.21 -8.53
N TRP D 156 -25.13 -12.90 -8.57
CA TRP D 156 -24.29 -11.92 -9.27
C TRP D 156 -24.55 -10.55 -8.67
N GLY D 157 -23.49 -9.77 -8.56
CA GLY D 157 -23.63 -8.41 -8.08
C GLY D 157 -22.35 -7.62 -8.17
N ARG D 158 -22.49 -6.30 -8.05
CA ARG D 158 -21.38 -5.38 -8.04
C ARG D 158 -21.65 -4.35 -6.97
N ILE D 159 -20.71 -4.18 -6.06
CA ILE D 159 -20.78 -3.14 -5.03
C ILE D 159 -19.58 -2.26 -5.30
N ILE D 160 -19.83 -0.97 -5.60
CA ILE D 160 -18.79 -0.01 -5.91
C ILE D 160 -18.90 1.16 -4.94
N ASN D 161 -17.87 1.36 -4.12
CA ASN D 161 -17.85 2.42 -3.13
C ASN D 161 -16.97 3.56 -3.61
N ILE D 162 -17.52 4.78 -3.68
CA ILE D 162 -16.72 5.92 -4.10
C ILE D 162 -16.09 6.46 -2.85
N SER D 163 -14.81 6.17 -2.67
CA SER D 163 -14.06 6.64 -1.53
C SER D 163 -13.39 7.98 -1.94
N SER D 164 -12.07 8.05 -1.93
CA SER D 164 -11.30 9.26 -2.23
C SER D 164 -9.85 8.89 -2.09
N THR D 165 -8.94 9.76 -2.60
CA THR D 165 -7.53 9.61 -2.25
C THR D 165 -7.36 9.76 -0.68
N ALA D 166 -8.33 10.43 -0.01
CA ALA D 166 -8.38 10.57 1.45
C ALA D 166 -8.71 9.21 2.16
N GLY D 167 -9.13 8.19 1.41
CA GLY D 167 -9.28 6.83 1.90
C GLY D 167 -7.98 6.04 1.83
N LEU D 168 -6.96 6.57 1.14
CA LEU D 168 -5.65 5.93 0.90
C LEU D 168 -4.48 6.62 1.53
N THR D 169 -4.60 7.91 1.82
CA THR D 169 -3.53 8.66 2.46
C THR D 169 -4.16 9.78 3.31
N GLY D 170 -3.35 10.43 4.12
CA GLY D 170 -3.82 11.49 4.98
C GLY D 170 -3.81 12.83 4.29
N TYR D 171 -4.62 13.74 4.82
CA TYR D 171 -4.67 15.13 4.43
C TYR D 171 -4.86 15.94 5.72
N PRO D 172 -4.07 16.99 5.98
CA PRO D 172 -4.32 17.79 7.18
C PRO D 172 -5.66 18.53 7.04
N TYR D 173 -6.34 18.78 8.17
CA TYR D 173 -7.62 19.47 8.24
C TYR D 173 -8.77 18.62 7.69
N ALA D 174 -8.54 17.33 7.42
CA ALA D 174 -9.59 16.44 6.93
C ALA D 174 -9.55 15.14 7.72
N VAL D 175 -9.29 15.21 9.03
CA VAL D 175 -9.13 14.00 9.86
C VAL D 175 -10.41 13.11 9.84
N PRO D 176 -11.63 13.63 10.13
CA PRO D 176 -12.81 12.75 10.07
C PRO D 176 -13.11 12.23 8.66
N TYR D 177 -12.85 13.04 7.63
CA TYR D 177 -13.06 12.61 6.25
C TYR D 177 -12.13 11.45 5.91
N CYS D 178 -10.85 11.58 6.26
CA CYS D 178 -9.87 10.52 6.03
C CYS D 178 -10.25 9.26 6.82
N ALA D 179 -10.66 9.42 8.09
CA ALA D 179 -11.06 8.28 8.91
C ALA D 179 -12.24 7.53 8.28
N ALA D 180 -13.28 8.27 7.85
CA ALA D 180 -14.45 7.64 7.24
C ALA D 180 -14.15 7.00 5.88
N LYS D 181 -13.37 7.68 5.03
CA LYS D 181 -13.04 7.18 3.71
C LYS D 181 -12.08 5.98 3.80
N HIS D 182 -11.17 5.96 4.80
CA HIS D 182 -10.33 4.79 5.04
C HIS D 182 -11.21 3.64 5.53
N GLY D 183 -12.18 3.93 6.41
CA GLY D 183 -13.11 2.92 6.91
C GLY D 183 -13.90 2.29 5.77
N LEU D 184 -14.26 3.09 4.77
CA LEU D 184 -14.95 2.61 3.58
C LEU D 184 -14.07 1.64 2.77
N ILE D 185 -12.75 1.89 2.70
CA ILE D 185 -11.83 0.94 2.06
C ILE D 185 -11.78 -0.38 2.87
N GLY D 186 -11.74 -0.31 4.19
CA GLY D 186 -11.73 -1.50 5.03
C GLY D 186 -12.98 -2.33 4.85
N LEU D 187 -14.15 -1.67 4.78
CA LEU D 187 -15.43 -2.34 4.50
C LEU D 187 -15.33 -3.05 3.13
N THR D 188 -14.82 -2.31 2.12
CA THR D 188 -14.65 -2.84 0.76
C THR D 188 -13.79 -4.11 0.75
N ARG D 189 -12.60 -4.06 1.38
CA ARG D 189 -11.68 -5.17 1.35
C ARG D 189 -12.23 -6.41 2.06
N ALA D 190 -12.81 -6.22 3.24
CA ALA D 190 -13.34 -7.34 4.02
C ALA D 190 -14.51 -7.98 3.32
N LEU D 191 -15.43 -7.17 2.79
CA LEU D 191 -16.60 -7.70 2.12
C LEU D 191 -16.23 -8.36 0.79
N ALA D 192 -15.22 -7.86 0.09
CA ALA D 192 -14.70 -8.49 -1.14
C ALA D 192 -14.26 -9.94 -0.87
N LEU D 193 -13.62 -10.19 0.28
CA LEU D 193 -13.18 -11.52 0.63
C LEU D 193 -14.37 -12.37 1.08
N GLU D 194 -15.27 -11.81 1.88
CA GLU D 194 -16.42 -12.55 2.36
C GLU D 194 -17.34 -13.00 1.21
N LEU D 195 -17.49 -12.17 0.17
CA LEU D 195 -18.34 -12.47 -0.98
C LEU D 195 -17.63 -13.01 -2.20
N ALA D 196 -16.33 -13.29 -2.12
CA ALA D 196 -15.51 -13.69 -3.25
C ALA D 196 -16.07 -14.86 -4.08
N GLN D 197 -16.60 -15.88 -3.40
CA GLN D 197 -17.17 -17.06 -4.06
C GLN D 197 -18.70 -17.01 -4.14
N ARG D 198 -19.32 -15.82 -4.02
CA ARG D 198 -20.76 -15.63 -4.12
C ARG D 198 -21.19 -14.87 -5.37
N GLY D 199 -20.29 -14.66 -6.33
CA GLY D 199 -20.60 -13.99 -7.57
C GLY D 199 -20.67 -12.48 -7.50
N ILE D 200 -20.23 -11.88 -6.39
CA ILE D 200 -20.28 -10.44 -6.21
C ILE D 200 -18.86 -9.92 -6.03
N THR D 201 -18.53 -8.78 -6.68
CA THR D 201 -17.26 -8.10 -6.44
C THR D 201 -17.56 -6.83 -5.66
N VAL D 202 -16.59 -6.40 -4.85
CA VAL D 202 -16.70 -5.21 -4.03
C VAL D 202 -15.40 -4.43 -4.26
N ASN D 203 -15.52 -3.22 -4.77
CA ASN D 203 -14.36 -2.39 -5.09
C ASN D 203 -14.62 -0.95 -4.72
N ALA D 204 -13.55 -0.17 -4.60
CA ALA D 204 -13.59 1.25 -4.32
C ALA D 204 -12.91 2.04 -5.41
N ILE D 205 -13.52 3.15 -5.80
CA ILE D 205 -12.94 4.11 -6.73
C ILE D 205 -12.58 5.31 -5.88
N CYS D 206 -11.35 5.79 -6.02
CA CYS D 206 -10.76 6.83 -5.19
C CYS D 206 -10.36 8.06 -6.01
N PRO D 207 -11.31 8.97 -6.23
CA PRO D 207 -10.96 10.18 -6.99
C PRO D 207 -10.09 11.12 -6.17
N GLY D 208 -9.24 11.84 -6.87
CA GLY D 208 -8.54 12.97 -6.31
C GLY D 208 -9.45 14.18 -6.54
N PHE D 209 -8.89 15.40 -6.55
CA PHE D 209 -9.71 16.60 -6.79
C PHE D 209 -10.36 16.53 -8.20
N THR D 210 -11.69 16.54 -8.22
CA THR D 210 -12.51 16.39 -9.44
C THR D 210 -13.35 17.63 -9.62
N ASP D 211 -13.53 18.07 -10.87
CA ASP D 211 -14.27 19.28 -11.16
C ASP D 211 -15.79 19.10 -10.95
N THR D 212 -16.26 19.41 -9.71
CA THR D 212 -17.67 19.32 -9.30
C THR D 212 -18.05 20.59 -8.49
N ASP D 213 -19.36 20.76 -8.23
CA ASP D 213 -19.89 21.82 -7.38
C ASP D 213 -19.34 21.67 -5.95
N LEU D 214 -19.15 20.43 -5.46
CA LEU D 214 -18.57 20.16 -4.15
C LEU D 214 -17.16 20.74 -4.07
N LEU D 215 -16.32 20.50 -5.11
CA LEU D 215 -14.95 21.03 -5.11
C LEU D 215 -14.96 22.55 -5.11
N GLN D 216 -15.85 23.18 -5.89
CA GLN D 216 -15.93 24.65 -5.91
C GLN D 216 -16.30 25.20 -4.51
N ALA D 217 -17.18 24.51 -3.78
CA ALA D 217 -17.54 24.92 -2.42
C ALA D 217 -16.34 24.77 -1.45
N SER D 218 -15.55 23.70 -1.64
CA SER D 218 -14.35 23.43 -0.85
C SER D 218 -13.26 24.47 -1.15
N VAL D 219 -13.17 24.95 -2.41
CA VAL D 219 -12.22 25.99 -2.84
C VAL D 219 -12.49 27.25 -2.03
N LEU D 220 -13.75 27.68 -1.98
CA LEU D 220 -14.11 28.89 -1.23
C LEU D 220 -13.87 28.72 0.29
N ARG D 221 -14.19 27.53 0.85
CA ARG D 221 -13.95 27.26 2.27
C ARG D 221 -12.45 27.37 2.61
N VAL D 222 -11.59 26.71 1.81
CA VAL D 222 -10.15 26.74 2.09
C VAL D 222 -9.59 28.14 1.89
N ALA D 223 -10.07 28.89 0.88
CA ALA D 223 -9.63 30.26 0.65
C ALA D 223 -9.96 31.15 1.85
N GLN D 224 -11.20 31.03 2.38
CA GLN D 224 -11.65 31.81 3.53
C GLN D 224 -10.87 31.43 4.79
N ARG D 225 -10.57 30.13 4.98
CA ARG D 225 -9.85 29.68 6.17
C ARG D 225 -8.35 29.97 6.11
N THR D 226 -7.76 30.16 4.91
CA THR D 226 -6.32 30.43 4.75
C THR D 226 -6.01 31.87 4.29
N ALA D 227 -7.03 32.77 4.22
CA ALA D 227 -6.86 34.17 3.78
C ALA D 227 -6.17 34.27 2.40
N ARG D 228 -6.63 33.45 1.45
CA ARG D 228 -6.09 33.38 0.09
C ARG D 228 -7.21 33.62 -0.92
N ALA D 229 -6.85 34.07 -2.13
CA ALA D 229 -7.84 34.32 -3.17
C ALA D 229 -8.38 32.96 -3.67
N PRO D 230 -9.70 32.78 -3.93
CA PRO D 230 -10.17 31.47 -4.44
C PRO D 230 -9.42 30.95 -5.67
N GLU D 231 -9.08 31.83 -6.63
CA GLU D 231 -8.36 31.41 -7.84
C GLU D 231 -6.96 30.83 -7.50
N ALA D 232 -6.27 31.40 -6.50
CA ALA D 232 -4.98 30.88 -6.09
C ALA D 232 -5.11 29.49 -5.46
N VAL D 233 -6.16 29.27 -4.64
CA VAL D 233 -6.33 27.97 -4.02
C VAL D 233 -6.81 26.94 -5.07
N LEU D 234 -7.55 27.34 -6.12
CA LEU D 234 -7.93 26.43 -7.20
C LEU D 234 -6.65 25.90 -7.91
N GLU D 235 -5.68 26.80 -8.14
CA GLU D 235 -4.41 26.42 -8.76
C GLU D 235 -3.65 25.41 -7.86
N LEU D 236 -3.71 25.58 -6.51
CA LEU D 236 -3.10 24.64 -5.56
C LEU D 236 -3.75 23.26 -5.69
N PHE D 237 -5.09 23.21 -5.81
CA PHE D 237 -5.83 21.96 -5.95
C PHE D 237 -5.38 21.22 -7.22
N ALA D 238 -5.24 21.93 -8.35
CA ALA D 238 -4.76 21.28 -9.58
C ALA D 238 -3.25 20.85 -9.46
N ARG D 239 -2.44 21.56 -8.65
CA ARG D 239 -1.03 21.20 -8.43
C ARG D 239 -0.84 19.89 -7.66
N ARG D 240 -1.83 19.40 -6.88
CA ARG D 240 -1.73 18.09 -6.21
C ARG D 240 -1.75 16.96 -7.29
N ASN D 241 -2.44 17.19 -8.41
CA ASN D 241 -2.53 16.22 -9.49
C ASN D 241 -1.27 16.40 -10.36
N PRO D 242 -0.37 15.39 -10.49
CA PRO D 242 0.80 15.57 -11.36
C PRO D 242 0.48 15.99 -12.80
N GLN D 243 -0.72 15.67 -13.29
CA GLN D 243 -1.13 16.03 -14.64
C GLN D 243 -1.47 17.53 -14.80
N GLY D 244 -1.50 18.29 -13.71
CA GLY D 244 -1.73 19.74 -13.78
C GLY D 244 -3.13 20.16 -14.15
N ARG D 245 -4.11 19.29 -13.90
CA ARG D 245 -5.50 19.57 -14.21
C ARG D 245 -6.40 18.83 -13.22
N LEU D 246 -7.67 19.21 -13.14
CA LEU D 246 -8.60 18.50 -12.28
C LEU D 246 -9.09 17.24 -13.02
N VAL D 247 -9.48 16.25 -12.25
CA VAL D 247 -10.05 15.03 -12.81
C VAL D 247 -11.47 15.41 -13.31
N ARG D 248 -11.91 14.82 -14.42
CA ARG D 248 -13.24 15.05 -14.92
C ARG D 248 -14.21 13.99 -14.36
N PRO D 249 -15.46 14.35 -14.01
CA PRO D 249 -16.41 13.32 -13.53
C PRO D 249 -16.55 12.09 -14.44
N GLU D 250 -16.49 12.27 -15.78
CA GLU D 250 -16.59 11.13 -16.71
C GLU D 250 -15.44 10.13 -16.58
N GLU D 251 -14.26 10.57 -16.15
CA GLU D 251 -13.12 9.68 -15.94
C GLU D 251 -13.39 8.76 -14.73
N VAL D 252 -14.03 9.30 -13.68
CA VAL D 252 -14.41 8.48 -12.53
C VAL D 252 -15.48 7.47 -12.96
N ALA D 253 -16.48 7.94 -13.71
CA ALA D 253 -17.55 7.09 -14.24
C ALA D 253 -17.04 5.96 -15.13
N TRP D 254 -15.99 6.23 -15.93
CA TRP D 254 -15.40 5.24 -16.83
C TRP D 254 -14.88 4.03 -16.02
N ALA D 255 -14.25 4.29 -14.86
CA ALA D 255 -13.75 3.22 -14.00
C ALA D 255 -14.91 2.40 -13.44
N VAL D 256 -16.01 3.07 -13.09
CA VAL D 256 -17.17 2.40 -12.51
C VAL D 256 -17.80 1.41 -13.51
N VAL D 257 -18.06 1.86 -14.73
CA VAL D 257 -18.73 1.01 -15.73
C VAL D 257 -17.82 -0.17 -16.15
N TRP D 258 -16.49 0.04 -16.18
CA TRP D 258 -15.53 -1.03 -16.46
C TRP D 258 -15.68 -2.17 -15.43
N LEU D 259 -15.82 -1.82 -14.14
CA LEU D 259 -15.98 -2.81 -13.08
C LEU D 259 -17.26 -3.63 -13.19
N CYS D 260 -18.30 -3.12 -13.85
CA CYS D 260 -19.58 -3.83 -13.98
C CYS D 260 -19.61 -4.93 -15.03
N SER D 261 -18.61 -4.99 -15.90
N SER D 261 -18.61 -4.99 -15.89
CA SER D 261 -18.53 -6.02 -16.92
CA SER D 261 -18.52 -6.02 -16.91
C SER D 261 -18.18 -7.36 -16.30
C SER D 261 -18.20 -7.38 -16.28
N GLU D 262 -18.56 -8.46 -16.97
CA GLU D 262 -18.25 -9.81 -16.50
C GLU D 262 -16.74 -10.07 -16.63
N LYS D 263 -16.04 -9.40 -17.56
CA LYS D 263 -14.58 -9.53 -17.68
C LYS D 263 -13.81 -8.81 -16.55
N ALA D 264 -14.50 -8.03 -15.69
CA ALA D 264 -13.90 -7.43 -14.49
C ALA D 264 -14.21 -8.25 -13.24
N ALA D 265 -14.70 -9.50 -13.37
CA ALA D 265 -14.96 -10.36 -12.22
C ALA D 265 -13.71 -10.57 -11.38
N ALA D 266 -12.53 -10.66 -12.00
CA ALA D 266 -11.28 -10.83 -11.26
C ALA D 266 -10.82 -9.57 -10.51
N ILE D 267 -11.46 -8.40 -10.75
CA ILE D 267 -11.15 -7.18 -10.04
C ILE D 267 -12.02 -7.19 -8.81
N ASN D 268 -11.44 -7.50 -7.66
CA ASN D 268 -12.20 -7.61 -6.42
C ASN D 268 -11.33 -7.14 -5.25
N GLY D 269 -11.92 -6.32 -4.39
CA GLY D 269 -11.27 -5.77 -3.22
C GLY D 269 -10.24 -4.71 -3.54
N GLN D 270 -10.36 -4.08 -4.69
CA GLN D 270 -9.39 -3.11 -5.14
C GLN D 270 -9.80 -1.70 -4.89
N ALA D 271 -8.81 -0.82 -4.79
CA ALA D 271 -9.00 0.62 -4.69
C ALA D 271 -8.35 1.19 -5.94
N ILE D 272 -9.16 1.79 -6.82
CA ILE D 272 -8.70 2.33 -8.09
C ILE D 272 -8.55 3.85 -7.91
N ALA D 273 -7.34 4.39 -7.85
CA ALA D 273 -7.12 5.83 -7.72
C ALA D 273 -7.26 6.50 -9.10
N VAL D 274 -8.12 7.52 -9.18
CA VAL D 274 -8.41 8.30 -10.40
C VAL D 274 -7.96 9.71 -10.04
N ALA D 275 -6.65 9.92 -9.98
CA ALA D 275 -6.08 11.19 -9.53
C ALA D 275 -4.80 11.59 -10.25
N GLY D 276 -4.57 11.09 -11.46
CA GLY D 276 -3.43 11.47 -12.29
C GLY D 276 -2.05 11.08 -11.82
N GLY D 277 -1.95 10.30 -10.75
CA GLY D 277 -0.69 9.94 -10.15
C GLY D 277 -0.49 10.55 -8.76
N GLU D 278 -1.46 11.29 -8.22
CA GLU D 278 -1.34 11.88 -6.88
C GLU D 278 -1.07 10.80 -5.82
N VAL D 279 -1.79 9.69 -5.92
CA VAL D 279 -1.58 8.50 -5.09
C VAL D 279 -1.35 7.37 -6.08
N MET D 280 -0.30 6.59 -5.90
CA MET D 280 0.02 5.48 -6.78
C MET D 280 -0.13 4.19 -5.98
N VAL D 281 -1.25 3.52 -6.17
CA VAL D 281 -1.60 2.35 -5.40
C VAL D 281 -0.71 1.13 -5.70
N GLY D 282 -0.54 0.29 -4.71
CA GLY D 282 0.19 -0.97 -4.86
C GLY D 282 -0.04 -1.85 -3.64
N GLY E 13 -33.70 -3.68 -26.26
CA GLY E 13 -33.32 -3.93 -27.63
C GLY E 13 -33.42 -2.72 -28.54
N LEU E 14 -34.38 -1.79 -28.28
CA LEU E 14 -34.53 -0.61 -29.15
C LEU E 14 -33.37 0.38 -29.09
N VAL E 15 -32.79 0.59 -27.90
CA VAL E 15 -31.71 1.56 -27.71
C VAL E 15 -30.37 0.85 -27.98
N PRO E 16 -29.47 1.41 -28.81
CA PRO E 16 -28.20 0.71 -29.07
C PRO E 16 -27.23 0.79 -27.90
N ARG E 17 -26.46 -0.29 -27.66
CA ARG E 17 -25.48 -0.38 -26.57
C ARG E 17 -24.10 -0.70 -27.13
PA NAP F . 5.63 -18.28 -22.03
PA NAP F . 3.30 -17.91 -21.65
O1A NAP F . 4.55 -18.98 -22.77
O1A NAP F . 1.95 -18.52 -21.74
O2A NAP F . 6.99 -18.86 -22.09
O2A NAP F . 4.48 -18.80 -21.52
O5B NAP F . 5.71 -16.76 -22.52
O5B NAP F . 3.53 -16.94 -22.90
C5B NAP F . 4.53 -15.98 -22.81
C5B NAP F . 4.67 -16.07 -22.91
C4B NAP F . 4.64 -15.38 -24.20
C4B NAP F . 4.83 -15.44 -24.27
O4B NAP F . 5.82 -14.57 -24.31
O4B NAP F . 5.99 -14.58 -24.28
C3B NAP F . 4.71 -16.37 -25.36
C3B NAP F . 5.02 -16.42 -25.43
O3B NAP F . 4.16 -15.86 -26.58
O3B NAP F . 4.39 -15.98 -26.64
C2B NAP F . 6.22 -16.56 -25.52
C2B NAP F . 6.54 -16.50 -25.54
O2B NAP F . 6.49 -16.99 -26.87
O2B NAP F . 6.88 -16.81 -26.91
C1B NAP F . 6.70 -15.12 -25.28
C1B NAP F . 6.93 -15.04 -25.24
N9A NAP F . 8.07 -14.96 -24.81
N9A NAP F . 8.28 -14.81 -24.74
C8A NAP F . 8.66 -15.58 -23.73
C8A NAP F . 8.91 -15.46 -23.72
N7A NAP F . 9.85 -15.13 -23.44
N7A NAP F . 10.13 -15.02 -23.47
C5A NAP F . 10.08 -14.15 -24.39
C5A NAP F . 10.29 -14.00 -24.41
C6A NAP F . 11.17 -13.30 -24.64
C6A NAP F . 11.37 -13.12 -24.67
N6A NAP F . 12.31 -13.32 -23.93
N6A NAP F . 12.54 -13.17 -24.03
N1A NAP F . 11.07 -12.44 -25.68
N1A NAP F . 11.21 -12.21 -25.65
C2A NAP F . 9.96 -12.44 -26.42
C2A NAP F . 10.06 -12.20 -26.33
N3A NAP F . 8.86 -13.19 -26.28
N3A NAP F . 8.99 -12.97 -26.17
C4A NAP F . 8.99 -14.04 -25.24
C4A NAP F . 9.16 -13.86 -25.19
O3 NAP F . 5.18 -18.13 -20.49
O3 NAP F . 3.36 -16.87 -20.44
PN NAP F . 5.50 -17.17 -19.25
PN NAP F . 2.34 -15.95 -19.61
O1N NAP F . 5.62 -15.78 -19.73
O1N NAP F . 1.10 -15.64 -20.35
O2N NAP F . 4.56 -17.49 -18.16
O2N NAP F . 2.28 -16.44 -18.22
O5D NAP F . 6.97 -17.62 -18.81
O5D NAP F . 3.16 -14.59 -19.64
C5D NAP F . 8.12 -16.90 -19.29
C5D NAP F . 2.40 -13.40 -19.42
C4D NAP F . 9.32 -17.82 -19.20
C4D NAP F . 3.24 -12.43 -18.65
O4D NAP F . 9.47 -18.27 -17.84
O4D NAP F . 2.44 -11.89 -17.58
C3D NAP F . 9.21 -19.10 -20.01
C3D NAP F . 4.44 -13.06 -17.95
O3D NAP F . 9.54 -18.90 -21.38
O3D NAP F . 5.52 -13.23 -18.86
C2D NAP F . 10.21 -20.01 -19.30
C2D NAP F . 4.65 -12.09 -16.80
O2D NAP F . 11.55 -19.93 -19.80
O2D NAP F . 5.35 -10.99 -17.39
C1D NAP F . 10.07 -19.54 -17.84
C1D NAP F . 3.19 -11.84 -16.40
N1N NAP F . 9.23 -20.48 -17.00
N1N NAP F . 2.57 -12.78 -15.37
C2N NAP F . 9.87 -21.51 -16.40
C2N NAP F . 2.09 -13.99 -15.74
C3N NAP F . 9.25 -22.23 -15.40
C3N NAP F . 1.40 -14.77 -14.84
C7N NAP F . 10.04 -23.31 -14.70
C7N NAP F . 0.78 -16.10 -15.17
O7N NAP F . 11.02 -23.81 -15.26
O7N NAP F . 0.21 -16.75 -14.27
N7N NAP F . 9.63 -23.69 -13.50
N7N NAP F . 0.84 -16.53 -16.43
C4N NAP F . 7.92 -21.94 -15.11
C4N NAP F . 1.24 -14.29 -13.53
C5N NAP F . 7.26 -20.93 -15.80
C5N NAP F . 1.77 -13.07 -13.18
C6N NAP F . 7.93 -20.23 -16.77
C6N NAP F . 2.42 -12.30 -14.13
P2B NAP F . 7.94 -17.65 -27.20
P2B NAP F . 8.42 -17.27 -27.25
O1X NAP F . 8.20 -18.70 -26.13
O1X NAP F . 8.81 -18.31 -26.23
O2X NAP F . 8.94 -16.50 -27.15
O2X NAP F . 9.26 -16.01 -27.18
O3X NAP F . 7.78 -18.24 -28.59
O3X NAP F . 8.32 -17.83 -28.65
H51A NAP F . 4.50 -15.18 -22.06
H51A NAP F . 5.55 -16.67 -22.65
H52A NAP F . 3.61 -16.56 -22.73
H52A NAP F . 4.57 -15.29 -22.15
H4B NAP F . 3.81 -14.68 -24.30
H4B NAP F . 3.97 -14.77 -24.42
H3B NAP F . 4.21 -17.31 -25.18
H3B NAP F . 4.59 -17.41 -25.26
HO3A NAP F . 3.82 -14.97 -26.41
HO3A NAP F . 4.60 -15.03 -26.73
H2B NAP F . 6.58 -17.25 -24.75
H2B NAP F . 6.94 -17.19 -24.80
H1B NAP F . 6.61 -14.61 -26.24
H1B NAP F . 6.82 -14.51 -26.18
H8A NAP F . 8.14 -16.36 -23.19
H8A NAP F . 8.44 -16.27 -23.17
H61A NAP F . 12.35 -13.98 -23.15
H61A NAP F . 12.64 -13.88 -23.31
H62A NAP F . 13.05 -12.68 -24.20
H62A NAP F . 13.26 -12.51 -24.31
H2A NAP F . 9.94 -11.74 -27.24
H2A NAP F . 9.97 -11.45 -27.12
H51N NAP F . 8.29 -15.98 -18.74
H51N NAP F . 1.51 -13.56 -18.81
H52N NAP F . 7.95 -16.61 -20.34
H52N NAP F . 2.11 -13.00 -20.39
H4D NAP F . 10.24 -17.29 -19.45
H4D NAP F . 3.55 -11.59 -19.27
H3D NAP F . 8.21 -19.55 -20.00
H3D NAP F . 4.26 -14.07 -17.56
HO3N NAP F . 8.81 -18.41 -21.81
HO3N NAP F . 5.81 -12.34 -19.13
H2D NAP F . 9.91 -21.06 -19.39
H2D NAP F . 5.25 -12.53 -15.99
HO2N NAP F . 11.89 -19.04 -19.60
HO2N NAP F . 4.82 -10.18 -17.29
H1D NAP F . 11.02 -19.47 -17.31
H1D NAP F . 3.08 -10.84 -15.98
H2N NAP F . 10.87 -21.74 -16.74
H2N NAP F . 2.30 -14.32 -16.75
H71N NAP F . 8.84 -23.23 -13.07
H71N NAP F . 1.30 -15.97 -17.13
H72N NAP F . 10.09 -24.43 -12.97
H72N NAP F . 0.45 -17.42 -16.71
H4N NAP F . 7.35 -22.48 -14.36
H4N NAP F . 0.71 -14.84 -12.76
H5N NAP F . 6.23 -20.69 -15.59
H5N NAP F . 1.70 -12.70 -12.16
H6N NAP F . 7.41 -19.51 -17.39
H6N NAP F . 2.73 -11.29 -13.91
MG MG G . 1.67 3.94 -0.80
PA NAP H . 26.71 9.08 1.18
O1A NAP H . 26.57 10.19 2.15
O2A NAP H . 27.24 9.33 -0.19
O5B NAP H . 27.59 7.93 1.87
C5B NAP H . 27.78 6.72 1.13
C4B NAP H . 28.75 5.86 1.90
O4B NAP H . 28.91 4.60 1.22
C3B NAP H . 30.18 6.38 2.08
O3B NAP H . 30.85 5.80 3.20
C2B NAP H . 30.82 5.90 0.77
O2B NAP H . 32.25 5.82 0.97
C1B NAP H . 30.21 4.49 0.67
N9A NAP H . 30.05 3.95 -0.67
C8A NAP H . 29.52 4.56 -1.77
N7A NAP H . 29.44 3.81 -2.83
C5A NAP H . 29.97 2.59 -2.40
C6A NAP H . 30.22 1.38 -3.07
N6A NAP H . 30.00 1.21 -4.37
N1A NAP H . 30.77 0.37 -2.36
C2A NAP H . 31.07 0.59 -1.08
N3A NAP H . 30.89 1.69 -0.35
C4A NAP H . 30.34 2.66 -1.07
O3 NAP H . 25.34 8.28 1.01
PN NAP H . 23.97 8.26 1.84
O1N NAP H . 24.29 8.18 3.29
O2N NAP H . 23.12 9.38 1.36
O5D NAP H . 23.34 6.91 1.28
C5D NAP H . 23.28 5.67 2.03
C4D NAP H . 22.05 4.90 1.65
O4D NAP H . 20.86 5.64 1.99
C3D NAP H . 21.93 4.56 0.15
O3D NAP H . 21.40 3.25 -0.12
C2D NAP H . 20.93 5.61 -0.35
O2D NAP H . 20.33 5.26 -1.58
C1D NAP H . 20.02 5.68 0.87
N1N NAP H . 19.17 6.92 0.93
C2N NAP H . 19.74 8.12 1.14
C3N NAP H . 18.97 9.28 1.15
C7N NAP H . 19.53 10.64 1.45
O7N NAP H . 18.77 11.63 1.46
N7N NAP H . 20.83 10.74 1.74
C4N NAP H . 17.60 9.16 0.93
C5N NAP H . 17.04 7.91 0.70
C6N NAP H . 17.84 6.79 0.75
P2B NAP H . 33.18 5.71 -0.35
O1X NAP H . 32.73 6.80 -1.30
O2X NAP H . 34.56 5.98 0.24
O3X NAP H . 33.04 4.32 -0.92
H51A NAP H . 28.17 6.98 0.14
H52A NAP H . 26.84 6.18 1.01
H4B NAP H . 28.28 5.62 2.85
H3B NAP H . 30.26 7.46 2.20
HO3A NAP H . 30.20 5.34 3.76
H2B NAP H . 30.53 6.55 -0.05
H1B NAP H . 30.84 3.84 1.24
H8A NAP H . 29.19 5.59 -1.73
H61A NAP H . 29.62 2.00 -4.89
H62A NAP H . 30.24 0.31 -4.79
H2A NAP H . 31.53 -0.24 -0.56
H51N NAP H . 23.32 5.81 3.10
H52N NAP H . 24.19 5.11 1.77
H4D NAP H . 22.00 4.00 2.27
H3D NAP H . 22.88 4.62 -0.39
HO3N NAP H . 20.74 3.00 0.55
H2D NAP H . 21.45 6.56 -0.51
HO2N NAP H . 21.08 5.15 -2.20
H1D NAP H . 19.33 4.83 0.92
H2N NAP H . 20.81 8.14 1.30
H71N NAP H . 21.42 9.92 1.75
H72N NAP H . 21.27 11.63 1.95
H4N NAP H . 16.93 10.00 0.91
H5N NAP H . 15.98 7.79 0.49
H6N NAP H . 17.41 5.80 0.66
MG MG I . -0.06 -4.10 0.24
PA NAP J . -7.62 -8.33 25.64
O1A NAP J . -9.07 -8.62 25.63
O2A NAP J . -6.66 -9.42 25.95
O5B NAP J . -7.34 -7.13 26.64
C5B NAP J . -8.11 -5.93 26.45
C4B NAP J . -7.84 -4.97 27.57
O4B NAP J . -8.58 -3.75 27.35
C3B NAP J . -8.24 -5.42 28.98
O3B NAP J . -7.51 -4.73 30.00
C2B NAP J . -9.71 -4.99 29.02
O2B NAP J . -10.05 -4.84 30.41
C1B NAP J . -9.60 -3.63 28.32
N9A NAP J . -10.80 -3.15 27.65
C8A NAP J . -11.61 -3.80 26.76
N7A NAP J . -12.61 -3.08 26.32
C5A NAP J . -12.46 -1.87 26.97
C6A NAP J . -13.20 -0.67 26.94
N6A NAP J . -14.30 -0.50 26.22
N1A NAP J . -12.77 0.37 27.71
C2A NAP J . -11.67 0.20 28.44
N3A NAP J . -10.88 -0.89 28.55
C4A NAP J . -11.34 -1.89 27.79
O3 NAP J . -7.28 -7.65 24.22
PN NAP J . -5.99 -7.63 23.29
O1N NAP J . -4.80 -7.29 24.09
O2N NAP J . -5.94 -8.87 22.46
O5D NAP J . -6.32 -6.43 22.28
C5D NAP J . -5.83 -5.09 22.49
C4D NAP J . -5.78 -4.35 21.18
O4D NAP J . -5.04 -5.12 20.21
C3D NAP J . -7.16 -4.08 20.55
O3D NAP J . -7.27 -2.79 19.96
C2D NAP J . -7.26 -5.17 19.49
O2D NAP J . -8.26 -4.89 18.51
C1D NAP J . -5.80 -5.21 19.04
N1N NAP J . -5.41 -6.46 18.30
C2N NAP J . -5.37 -7.63 18.95
C3N NAP J . -5.06 -8.79 18.27
C7N NAP J . -5.00 -10.12 19.00
O7N NAP J . -5.02 -10.17 20.26
N7N NAP J . -4.94 -11.20 18.26
C4N NAP J . -4.77 -8.70 16.92
C5N NAP J . -4.81 -7.47 16.28
C6N NAP J . -5.09 -6.35 17.00
P2B NAP J . -11.62 -4.72 30.83
O1X NAP J . -12.36 -5.89 30.24
O2X NAP J . -12.11 -3.39 30.30
O3X NAP J . -11.57 -4.77 32.36
H51A NAP J . -9.17 -6.21 26.43
H52A NAP J . -7.86 -5.46 25.49
H4B NAP J . -6.79 -4.69 27.51
H3B NAP J . -8.12 -6.47 29.18
HO3A NAP J . -6.71 -4.35 29.61
H2B NAP J . -10.34 -5.71 28.49
H1B NAP J . -9.35 -2.94 29.11
H8A NAP J . -11.38 -4.81 26.44
H61A NAP J . -14.63 -1.30 25.68
H62A NAP J . -14.76 0.41 26.24
H2A NAP J . -11.35 1.06 29.02
H51N NAP J . -4.88 -5.03 23.01
H52N NAP J . -6.55 -4.63 23.18
H4D NAP J . -5.19 -3.44 21.32
H3D NAP J . -7.98 -4.14 21.27
HO3N NAP J . -6.43 -2.50 19.57
H2D NAP J . -7.55 -6.12 19.97
HO2N NAP J . -8.18 -5.58 17.84
H1D NAP J . -5.55 -4.37 18.39
H2N NAP J . -5.59 -7.63 20.01
H71N NAP J . -4.98 -11.10 17.27
H72N NAP J . -4.98 -12.13 18.64
H4N NAP J . -4.48 -9.54 16.29
H5N NAP J . -4.59 -7.39 15.22
H6N NAP J . -5.06 -5.37 16.53
PA NAP K . -21.25 16.97 -5.33
O1A NAP K . -20.83 17.58 -6.61
O2A NAP K . -21.63 17.85 -4.20
O5B NAP K . -22.47 15.98 -5.64
C5B NAP K . -22.98 15.17 -4.56
C4B NAP K . -24.28 14.52 -4.95
O4B NAP K . -24.77 13.74 -3.85
C3B NAP K . -25.43 15.48 -5.30
O3B NAP K . -26.29 14.94 -6.31
C2B NAP K . -26.11 15.68 -3.94
O2B NAP K . -27.49 16.03 -4.17
C1B NAP K . -25.98 14.28 -3.35
N9A NAP K . -25.96 14.15 -1.89
C8A NAP K . -25.21 14.86 -1.00
N7A NAP K . -25.38 14.49 0.25
C5A NAP K . -26.32 13.47 0.17
C6A NAP K . -26.98 12.70 1.15
N6A NAP K . -26.74 12.80 2.46
N1A NAP K . -27.92 11.82 0.73
C2A NAP K . -28.15 11.70 -0.58
N3A NAP K . -27.58 12.36 -1.59
C4A NAP K . -26.68 13.25 -1.16
O3 NAP K . -20.12 15.97 -4.83
PN NAP K . -19.03 15.14 -5.66
O1N NAP K . -17.78 15.95 -5.74
O2N NAP K . -19.63 14.62 -6.90
O5D NAP K . -18.72 13.94 -4.66
C5D NAP K . -19.25 12.60 -4.85
C4D NAP K . -18.35 11.61 -4.16
O4D NAP K . -16.99 11.81 -4.61
C3D NAP K . -18.31 11.74 -2.62
O3D NAP K . -18.34 10.49 -1.93
C2D NAP K . -16.99 12.48 -2.38
O2D NAP K . -16.53 12.33 -1.04
C1D NAP K . -16.14 11.86 -3.50
N1N NAP K . -14.91 12.65 -3.84
C2N NAP K . -15.01 13.85 -4.41
C3N NAP K . -13.89 14.63 -4.63
C7N NAP K . -13.91 15.97 -5.30
O7N NAP K . -12.86 16.62 -5.39
N7N NAP K . -15.06 16.41 -5.82
C4N NAP K . -12.65 14.12 -4.23
C5N NAP K . -12.58 12.88 -3.64
C6N NAP K . -13.72 12.11 -3.52
P2B NAP K . -28.31 16.78 -2.98
O1X NAP K . -27.44 17.88 -2.44
O2X NAP K . -29.57 17.30 -3.65
O3X NAP K . -28.61 15.71 -1.95
H51A NAP K . -23.12 15.82 -3.69
H52A NAP K . -22.25 14.40 -4.29
H4B NAP K . -24.06 13.82 -5.75
H3B NAP K . -25.14 16.45 -5.67
HO3A NAP K . -26.55 14.06 -6.02
H2B NAP K . -25.55 16.42 -3.36
H1B NAP K . -26.85 13.75 -3.71
H8A NAP K . -24.54 15.64 -1.32
H61A NAP K . -26.02 13.46 2.74
H62A NAP K . -27.28 12.21 3.09
H2A NAP K . -28.93 11.00 -0.86
H51N NAP K . -19.40 12.34 -5.88
H52N NAP K . -20.25 12.61 -4.40
H4D NAP K . -18.62 10.60 -4.48
H3D NAP K . -19.16 12.30 -2.22
HO3N NAP K . -17.87 9.80 -2.44
H2D NAP K . -17.14 13.55 -2.54
HO2N NAP K . -15.60 12.64 -1.05
H1D NAP K . -15.83 10.84 -3.25
H2N NAP K . -16.00 14.20 -4.69
H71N NAP K . -15.90 15.85 -5.76
H72N NAP K . -15.14 17.32 -6.25
H4N NAP K . -11.71 14.64 -4.36
H5N NAP K . -11.64 12.49 -3.25
H6N NAP K . -13.66 11.08 -3.22
#